data_6F7H
#
_entry.id   6F7H
#
_cell.length_a   97.071
_cell.length_b   116.844
_cell.length_c   138.549
_cell.angle_alpha   90.00
_cell.angle_beta   90.00
_cell.angle_gamma   90.00
#
_symmetry.space_group_name_H-M   'P 21 21 21'
#
loop_
_entity.id
_entity.type
_entity.pdbx_description
1 polymer Aquaporin-10
2 non-polymer 'nonyl beta-D-glucopyranoside'
3 non-polymer GLYCEROL
4 water water
#
_entity_poly.entity_id   1
_entity_poly.type   'polypeptide(L)'
_entity_poly.pdbx_seq_one_letter_code
;MVFTQAPAEIMGHLRIRSLLARQCLAEFLGVFVLMLLTQGAVAQAVTSGETKGNFFTMFLAGSLAVTIAIYVGGNVSGAH
LNPAFSLAMCIVGRLPWVKLPIYILVQLLSAFCASGATYVLYHDALQNYTGGNLTVTGPKETASIFATYPAPYLSLNNGF
LDQVLGTGMLIVGLLAILDRRNKGVPAGLEPVVVGMLILALGLSMGANCGIPLNPARDLGPRLFTYVAGWGPEVFSAGNG
WWWVPVVAPLVGATVGTATYQLLVALHHPEGPEPAQDLVSAQHKASELETPASAQMLECKL
;
_entity_poly.pdbx_strand_id   A,B,C,D
#
loop_
_chem_comp.id
_chem_comp.type
_chem_comp.name
_chem_comp.formula
BNG D-saccharide 'nonyl beta-D-glucopyranoside' 'C15 H30 O6'
GOL non-polymer GLYCEROL 'C3 H8 O3'
#
# COMPACT_ATOMS: atom_id res chain seq x y z
N SER A 18 -9.08 -25.78 -30.89
CA SER A 18 -8.25 -26.73 -30.14
C SER A 18 -8.11 -26.29 -28.68
N LEU A 19 -8.59 -27.12 -27.74
CA LEU A 19 -8.53 -26.75 -26.33
C LEU A 19 -7.10 -26.50 -25.88
N LEU A 20 -6.18 -27.40 -26.23
CA LEU A 20 -4.78 -27.22 -25.87
C LEU A 20 -4.25 -25.88 -26.38
N ALA A 21 -4.65 -25.49 -27.56
CA ALA A 21 -4.15 -24.25 -28.08
C ALA A 21 -4.66 -23.09 -27.26
N ARG A 22 -5.90 -23.18 -26.84
CA ARG A 22 -6.49 -22.14 -26.06
C ARG A 22 -5.81 -22.04 -24.70
N GLN A 23 -5.45 -23.18 -24.16
CA GLN A 23 -4.82 -23.21 -22.87
C GLN A 23 -3.43 -22.65 -23.00
N CYS A 24 -2.80 -22.96 -24.11
CA CYS A 24 -1.45 -22.47 -24.36
C CYS A 24 -1.42 -20.97 -24.58
N LEU A 25 -2.45 -20.43 -25.25
CA LEU A 25 -2.53 -18.99 -25.42
C LEU A 25 -2.61 -18.30 -24.06
N ALA A 26 -3.45 -18.82 -23.16
CA ALA A 26 -3.59 -18.22 -21.85
C ALA A 26 -2.25 -18.21 -21.10
N GLU A 27 -1.52 -19.33 -21.12
CA GLU A 27 -0.22 -19.36 -20.45
C GLU A 27 0.70 -18.31 -21.06
N PHE A 28 0.78 -18.25 -22.39
CA PHE A 28 1.71 -17.33 -23.03
C PHE A 28 1.39 -15.88 -22.69
N LEU A 29 0.11 -15.51 -22.80
CA LEU A 29 -0.30 -14.13 -22.49
C LEU A 29 0.05 -13.77 -21.06
N GLY A 30 -0.31 -14.62 -20.10
CA GLY A 30 -0.15 -14.26 -18.70
C GLY A 30 1.30 -14.20 -18.27
N VAL A 31 2.12 -15.16 -18.72
CA VAL A 31 3.54 -15.14 -18.39
C VAL A 31 4.19 -13.92 -19.01
N PHE A 32 3.76 -13.56 -20.22
CA PHE A 32 4.34 -12.41 -20.91
C PHE A 32 4.13 -11.14 -20.09
N VAL A 33 2.90 -10.90 -19.64
CA VAL A 33 2.63 -9.70 -18.86
C VAL A 33 3.34 -9.76 -17.51
N LEU A 34 3.30 -10.91 -16.85
CA LEU A 34 4.05 -11.14 -15.61
C LEU A 34 5.50 -10.70 -15.74
N MET A 35 6.15 -11.14 -16.80
CA MET A 35 7.58 -10.95 -16.97
C MET A 35 7.93 -9.52 -17.35
N LEU A 36 7.18 -8.93 -18.28
CA LEU A 36 7.34 -7.51 -18.60
C LEU A 36 7.34 -6.67 -17.33
N LEU A 37 6.28 -6.77 -16.54
CA LEU A 37 6.16 -5.92 -15.35
C LEU A 37 7.24 -6.25 -14.33
N THR A 38 7.54 -7.55 -14.13
CA THR A 38 8.56 -7.94 -13.15
C THR A 38 9.92 -7.43 -13.58
N GLN A 39 10.34 -7.77 -14.80
CA GLN A 39 11.65 -7.34 -15.28
C GLN A 39 11.71 -5.81 -15.44
N GLY A 40 10.63 -5.20 -15.95
CA GLY A 40 10.66 -3.76 -16.15
C GLY A 40 10.97 -3.03 -14.87
N ALA A 41 10.45 -3.55 -13.74
CA ALA A 41 10.70 -2.88 -12.46
C ALA A 41 12.16 -2.98 -12.04
N VAL A 42 12.85 -4.08 -12.38
CA VAL A 42 14.28 -4.15 -12.07
C VAL A 42 15.05 -3.21 -12.98
N ALA A 43 14.73 -3.22 -14.28
CA ALA A 43 15.40 -2.33 -15.22
C ALA A 43 15.22 -0.89 -14.79
N GLN A 44 14.02 -0.54 -14.32
CA GLN A 44 13.74 0.83 -13.87
C GLN A 44 14.63 1.24 -12.70
N ALA A 45 14.74 0.37 -11.69
CA ALA A 45 15.62 0.60 -10.54
C ALA A 45 17.09 0.63 -10.95
N VAL A 46 17.55 -0.38 -11.70
CA VAL A 46 18.96 -0.47 -12.03
C VAL A 46 19.37 0.69 -12.96
N THR A 47 18.74 0.81 -14.12
CA THR A 47 19.25 1.78 -15.10
C THR A 47 19.02 3.23 -14.69
N SER A 48 18.24 3.49 -13.65
CA SER A 48 18.04 4.85 -13.16
C SER A 48 18.94 5.20 -11.98
N GLY A 49 19.86 4.32 -11.62
CA GLY A 49 20.66 4.62 -10.46
C GLY A 49 19.86 4.56 -9.19
N GLU A 50 18.76 3.80 -9.18
CA GLU A 50 17.81 3.77 -8.08
C GLU A 50 17.16 5.13 -7.80
N THR A 51 17.10 6.03 -8.79
CA THR A 51 16.31 7.24 -8.62
C THR A 51 14.85 7.07 -9.03
N LYS A 52 14.51 5.99 -9.72
CA LYS A 52 13.14 5.74 -10.11
C LYS A 52 12.64 4.40 -9.63
N GLY A 53 13.41 3.72 -8.81
CA GLY A 53 13.08 2.40 -8.30
C GLY A 53 14.15 1.95 -7.33
N ASN A 54 13.81 0.95 -6.53
CA ASN A 54 14.74 0.40 -5.54
C ASN A 54 14.24 -0.98 -5.15
N PHE A 55 14.84 -1.57 -4.09
CA PHE A 55 14.47 -2.92 -3.68
C PHE A 55 12.98 -3.04 -3.38
N PHE A 56 12.38 -2.03 -2.72
CA PHE A 56 10.98 -2.10 -2.31
C PHE A 56 10.03 -2.06 -3.51
N THR A 57 10.25 -1.08 -4.36
CA THR A 57 9.63 -0.96 -5.68
C THR A 57 9.71 -2.27 -6.49
N MET A 58 10.88 -2.91 -6.51
CA MET A 58 10.98 -4.17 -7.22
C MET A 58 10.06 -5.22 -6.61
N PHE A 59 10.04 -5.32 -5.27
CA PHE A 59 9.18 -6.32 -4.63
C PHE A 59 7.72 -5.97 -4.85
N LEU A 60 7.36 -4.67 -4.75
CA LEU A 60 5.96 -4.31 -4.90
C LEU A 60 5.51 -4.50 -6.34
N ALA A 61 6.32 -4.07 -7.30
CA ALA A 61 5.91 -4.27 -8.69
C ALA A 61 5.88 -5.75 -9.05
N GLY A 62 6.76 -6.55 -8.44
CA GLY A 62 6.68 -8.00 -8.60
C GLY A 62 5.38 -8.57 -8.08
N SER A 63 4.91 -8.09 -6.94
CA SER A 63 3.65 -8.63 -6.47
C SER A 63 2.46 -8.09 -7.28
N LEU A 64 2.52 -6.84 -7.77
CA LEU A 64 1.46 -6.37 -8.65
C LEU A 64 1.49 -7.07 -10.00
N ALA A 65 2.68 -7.41 -10.51
CA ALA A 65 2.77 -8.19 -11.74
C ALA A 65 2.02 -9.53 -11.63
N VAL A 66 2.13 -10.19 -10.48
CA VAL A 66 1.43 -11.46 -10.32
C VAL A 66 -0.08 -11.24 -10.31
N THR A 67 -0.53 -10.22 -9.59
CA THR A 67 -1.96 -9.91 -9.56
C THR A 67 -2.49 -9.71 -10.97
N ILE A 68 -1.78 -8.92 -11.77
CA ILE A 68 -2.30 -8.57 -13.09
C ILE A 68 -2.23 -9.77 -14.02
N ALA A 69 -1.11 -10.51 -13.99
CA ALA A 69 -0.97 -11.68 -14.85
C ALA A 69 -2.01 -12.74 -14.53
N ILE A 70 -2.33 -12.92 -13.25
CA ILE A 70 -3.34 -13.93 -12.90
C ILE A 70 -4.71 -13.54 -13.46
N TYR A 71 -5.04 -12.24 -13.43
CA TYR A 71 -6.23 -11.70 -14.10
C TYR A 71 -6.20 -11.98 -15.60
N VAL A 72 -5.07 -11.65 -16.24
CA VAL A 72 -4.91 -11.87 -17.66
C VAL A 72 -5.16 -13.34 -18.01
N GLY A 73 -4.70 -14.24 -17.15
CA GLY A 73 -4.87 -15.65 -17.41
C GLY A 73 -6.21 -16.21 -17.02
N GLY A 74 -7.14 -15.36 -16.58
CA GLY A 74 -8.44 -15.86 -16.18
C GLY A 74 -8.52 -16.29 -14.74
N ASN A 75 -7.74 -15.67 -13.86
CA ASN A 75 -7.83 -15.89 -12.42
C ASN A 75 -7.10 -17.19 -12.03
N VAL A 76 -7.19 -17.54 -10.76
CA VAL A 76 -6.40 -18.63 -10.23
C VAL A 76 -6.80 -19.94 -10.87
N SER A 77 -8.10 -20.12 -11.14
CA SER A 77 -8.60 -21.29 -11.83
C SER A 77 -8.33 -21.28 -13.33
N GLY A 78 -7.68 -20.25 -13.84
CA GLY A 78 -7.35 -20.18 -15.23
C GLY A 78 -5.98 -20.68 -15.55
N ALA A 79 -5.13 -19.81 -16.06
CA ALA A 79 -3.78 -20.18 -16.39
C ALA A 79 -2.90 -20.40 -15.17
N HIS A 80 -1.86 -21.19 -15.34
CA HIS A 80 -0.95 -21.53 -14.27
C HIS A 80 0.16 -20.52 -14.11
N LEU A 81 0.77 -20.17 -15.23
CA LEU A 81 1.83 -19.15 -15.30
C LEU A 81 3.14 -19.58 -14.66
N ASN A 82 3.29 -20.86 -14.29
CA ASN A 82 4.35 -21.32 -13.39
C ASN A 82 4.48 -22.84 -13.48
N PRO A 83 5.61 -23.35 -13.96
CA PRO A 83 5.81 -24.82 -13.96
C PRO A 83 5.55 -25.46 -12.59
N ALA A 84 5.94 -24.76 -11.51
CA ALA A 84 5.67 -25.28 -10.18
C ALA A 84 4.17 -25.48 -9.97
N PHE A 85 3.35 -24.49 -10.35
CA PHE A 85 1.91 -24.67 -10.17
C PHE A 85 1.37 -25.73 -11.14
N SER A 86 1.94 -25.81 -12.35
CA SER A 86 1.49 -26.84 -13.26
C SER A 86 1.75 -28.23 -12.67
N LEU A 87 2.93 -28.43 -12.09
CA LEU A 87 3.23 -29.69 -11.40
C LEU A 87 2.18 -29.98 -10.34
N ALA A 88 1.90 -28.98 -9.48
CA ALA A 88 0.84 -29.12 -8.48
C ALA A 88 -0.49 -29.59 -9.09
N MET A 89 -0.87 -29.04 -10.25
CA MET A 89 -2.12 -29.45 -10.90
C MET A 89 -2.05 -30.90 -11.39
N CYS A 90 -0.91 -31.33 -11.94
CA CYS A 90 -0.76 -32.74 -12.29
C CYS A 90 -0.89 -33.63 -11.06
N ILE A 91 -0.27 -33.24 -9.95
CA ILE A 91 -0.30 -34.06 -8.74
C ILE A 91 -1.74 -34.27 -8.27
N VAL A 92 -2.56 -33.21 -8.27
CA VAL A 92 -3.94 -33.32 -7.78
C VAL A 92 -4.89 -33.80 -8.86
N GLY A 93 -4.40 -34.13 -10.05
CA GLY A 93 -5.27 -34.71 -11.05
C GLY A 93 -5.98 -33.71 -11.92
N ARG A 94 -5.72 -32.43 -11.74
CA ARG A 94 -6.43 -31.40 -12.49
C ARG A 94 -5.77 -31.09 -13.84
N LEU A 95 -4.52 -31.51 -14.09
CA LEU A 95 -3.89 -31.35 -15.40
C LEU A 95 -3.25 -32.67 -15.83
N PRO A 96 -3.55 -33.17 -17.03
CA PRO A 96 -2.99 -34.47 -17.44
C PRO A 96 -1.46 -34.42 -17.56
N TRP A 97 -0.81 -35.45 -17.03
CA TRP A 97 0.64 -35.54 -17.04
C TRP A 97 1.22 -35.31 -18.44
N VAL A 98 0.53 -35.78 -19.47
CA VAL A 98 1.03 -35.63 -20.84
C VAL A 98 1.06 -34.17 -21.29
N LYS A 99 0.25 -33.30 -20.67
CA LYS A 99 0.27 -31.89 -21.03
C LYS A 99 1.33 -31.10 -20.26
N LEU A 100 1.90 -31.65 -19.19
CA LEU A 100 2.82 -30.88 -18.37
C LEU A 100 4.02 -30.37 -19.16
N PRO A 101 4.69 -31.16 -19.98
CA PRO A 101 5.80 -30.60 -20.76
C PRO A 101 5.37 -29.47 -21.68
N ILE A 102 4.17 -29.56 -22.27
CA ILE A 102 3.72 -28.51 -23.18
C ILE A 102 3.55 -27.21 -22.42
N TYR A 103 2.86 -27.26 -21.27
CA TYR A 103 2.71 -26.04 -20.47
C TYR A 103 4.06 -25.43 -20.15
N ILE A 104 4.96 -26.23 -19.59
CA ILE A 104 6.27 -25.71 -19.19
C ILE A 104 6.99 -25.14 -20.41
N LEU A 105 6.89 -25.81 -21.56
CA LEU A 105 7.49 -25.29 -22.78
C LEU A 105 6.93 -23.90 -23.10
N VAL A 106 5.60 -23.77 -23.08
CA VAL A 106 4.99 -22.48 -23.40
C VAL A 106 5.40 -21.43 -22.38
N GLN A 107 5.34 -21.76 -21.08
CA GLN A 107 5.73 -20.79 -20.06
C GLN A 107 7.17 -20.33 -20.24
N LEU A 108 8.05 -21.25 -20.63
CA LEU A 108 9.47 -20.91 -20.83
C LEU A 108 9.64 -19.96 -22.02
N LEU A 109 9.06 -20.34 -23.16
CA LEU A 109 9.07 -19.51 -24.36
C LEU A 109 8.52 -18.12 -24.08
N SER A 110 7.42 -18.03 -23.34
CA SER A 110 6.83 -16.73 -23.06
C SER A 110 7.78 -15.87 -22.26
N ALA A 111 8.41 -16.43 -21.24
CA ALA A 111 9.37 -15.69 -20.44
C ALA A 111 10.59 -15.27 -21.27
N PHE A 112 11.08 -16.17 -22.13
CA PHE A 112 12.11 -15.80 -23.09
C PHE A 112 11.68 -14.59 -23.93
N CYS A 113 10.43 -14.61 -24.44
CA CYS A 113 9.97 -13.52 -25.33
C CYS A 113 9.78 -12.21 -24.57
N ALA A 114 9.26 -12.27 -23.35
CA ALA A 114 9.07 -11.05 -22.58
C ALA A 114 10.40 -10.39 -22.27
N SER A 115 11.45 -11.20 -22.07
CA SER A 115 12.79 -10.65 -21.86
C SER A 115 13.25 -9.84 -23.06
N GLY A 116 12.92 -10.32 -24.27
CA GLY A 116 13.19 -9.52 -25.46
C GLY A 116 12.42 -8.22 -25.45
N ALA A 117 11.12 -8.27 -25.15
CA ALA A 117 10.33 -7.06 -25.04
C ALA A 117 10.94 -6.10 -24.02
N THR A 118 11.34 -6.63 -22.85
CA THR A 118 11.99 -5.80 -21.84
C THR A 118 13.26 -5.15 -22.37
N TYR A 119 14.10 -5.95 -23.06
CA TYR A 119 15.33 -5.45 -23.65
C TYR A 119 15.04 -4.29 -24.60
N VAL A 120 13.97 -4.40 -25.38
CA VAL A 120 13.65 -3.34 -26.32
C VAL A 120 13.04 -2.14 -25.58
N LEU A 121 12.14 -2.40 -24.63
CA LEU A 121 11.56 -1.30 -23.87
C LEU A 121 12.64 -0.48 -23.19
N TYR A 122 13.69 -1.12 -22.68
CA TYR A 122 14.71 -0.42 -21.93
C TYR A 122 16.00 -0.26 -22.72
N HIS A 123 15.90 -0.25 -24.05
CA HIS A 123 17.12 -0.28 -24.84
C HIS A 123 17.98 0.95 -24.54
N ASP A 124 17.42 2.16 -24.69
CA ASP A 124 18.21 3.36 -24.48
C ASP A 124 18.73 3.45 -23.04
N ALA A 125 17.88 3.14 -22.05
CA ALA A 125 18.33 3.16 -20.65
C ALA A 125 19.46 2.14 -20.41
N LEU A 126 19.37 0.95 -21.01
CA LEU A 126 20.43 -0.05 -20.83
C LEU A 126 21.72 0.43 -21.47
N GLN A 127 21.62 0.97 -22.68
CA GLN A 127 22.78 1.49 -23.39
C GLN A 127 23.42 2.64 -22.61
N ASN A 128 22.59 3.48 -22.02
CA ASN A 128 23.09 4.62 -21.28
C ASN A 128 23.80 4.18 -20.01
N TYR A 129 23.26 3.17 -19.34
CA TYR A 129 23.84 2.68 -18.10
C TYR A 129 25.14 1.91 -18.32
N THR A 130 25.26 1.17 -19.44
CA THR A 130 26.37 0.23 -19.61
C THR A 130 27.40 0.64 -20.66
N GLY A 131 27.10 1.66 -21.48
CA GLY A 131 27.92 1.91 -22.65
C GLY A 131 28.00 0.75 -23.61
N GLY A 132 27.13 -0.25 -23.44
CA GLY A 132 27.16 -1.46 -24.24
C GLY A 132 27.86 -2.64 -23.60
N ASN A 133 28.43 -2.47 -22.41
CA ASN A 133 29.13 -3.53 -21.67
C ASN A 133 28.14 -4.37 -20.85
N LEU A 134 27.71 -5.51 -21.36
CA LEU A 134 26.75 -6.38 -20.68
C LEU A 134 27.48 -7.37 -19.77
N THR A 135 27.25 -7.26 -18.46
CA THR A 135 27.95 -8.07 -17.47
C THR A 135 26.97 -8.75 -16.53
N VAL A 136 27.48 -9.79 -15.87
CA VAL A 136 26.70 -10.60 -14.95
C VAL A 136 27.04 -10.26 -13.50
N THR A 137 28.30 -9.98 -13.22
CA THR A 137 28.74 -9.58 -11.89
C THR A 137 29.41 -8.22 -12.01
N GLY A 138 29.72 -7.62 -10.88
CA GLY A 138 30.35 -6.32 -10.88
C GLY A 138 29.32 -5.22 -10.76
N PRO A 139 29.82 -3.98 -10.63
CA PRO A 139 28.95 -2.85 -10.24
C PRO A 139 27.97 -2.39 -11.32
N LYS A 140 28.19 -2.69 -12.60
CA LYS A 140 27.25 -2.26 -13.63
C LYS A 140 26.51 -3.43 -14.28
N GLU A 141 26.40 -4.55 -13.58
CA GLU A 141 25.85 -5.74 -14.18
C GLU A 141 24.36 -5.54 -14.43
N THR A 142 23.87 -6.11 -15.52
CA THR A 142 22.46 -6.02 -15.91
C THR A 142 21.83 -7.39 -16.09
N ALA A 143 22.58 -8.46 -15.81
CA ALA A 143 22.00 -9.79 -15.95
C ALA A 143 20.80 -9.99 -15.02
N SER A 144 20.82 -9.36 -13.84
CA SER A 144 19.76 -9.62 -12.88
C SER A 144 18.49 -8.83 -13.17
N ILE A 145 18.45 -8.03 -14.24
CA ILE A 145 17.18 -7.48 -14.69
C ILE A 145 16.28 -8.61 -15.15
N PHE A 146 16.85 -9.65 -15.75
CA PHE A 146 16.09 -10.70 -16.43
C PHE A 146 15.88 -11.94 -15.57
N ALA A 147 16.94 -12.46 -14.93
CA ALA A 147 16.87 -13.66 -14.11
C ALA A 147 17.47 -13.37 -12.74
N THR A 148 17.28 -14.29 -11.79
CA THR A 148 17.76 -14.07 -10.43
C THR A 148 19.17 -14.60 -10.22
N TYR A 149 19.86 -14.00 -9.23
CA TYR A 149 21.18 -14.37 -8.76
C TYR A 149 21.15 -14.30 -7.23
N PRO A 150 21.83 -15.23 -6.54
CA PRO A 150 21.77 -15.27 -5.08
C PRO A 150 22.62 -14.17 -4.46
N ALA A 151 22.31 -13.84 -3.20
CA ALA A 151 23.20 -12.97 -2.44
C ALA A 151 24.61 -13.57 -2.35
N PRO A 152 25.65 -12.74 -2.26
CA PRO A 152 27.02 -13.28 -2.21
C PRO A 152 27.27 -14.27 -1.10
N TYR A 153 26.61 -14.13 0.06
CA TYR A 153 26.87 -15.03 1.18
C TYR A 153 26.17 -16.39 1.04
N LEU A 154 25.28 -16.55 0.06
CA LEU A 154 24.33 -17.66 0.08
C LEU A 154 24.92 -18.95 -0.49
N SER A 155 24.91 -20.01 0.30
CA SER A 155 25.27 -21.34 -0.20
C SER A 155 24.13 -21.94 -1.04
N LEU A 156 24.50 -22.88 -1.92
CA LEU A 156 23.50 -23.65 -2.68
C LEU A 156 22.47 -24.30 -1.75
N ASN A 157 22.91 -24.88 -0.64
CA ASN A 157 21.96 -25.55 0.26
C ASN A 157 20.97 -24.55 0.85
N ASN A 158 21.45 -23.41 1.35
CA ASN A 158 20.55 -22.43 1.94
C ASN A 158 19.62 -21.86 0.87
N GLY A 159 20.17 -21.57 -0.32
CA GLY A 159 19.34 -21.10 -1.43
C GLY A 159 18.29 -22.12 -1.84
N PHE A 160 18.66 -23.42 -1.81
CA PHE A 160 17.71 -24.46 -2.18
C PHE A 160 16.57 -24.51 -1.17
N LEU A 161 16.91 -24.37 0.09
CA LEU A 161 15.93 -24.37 1.13
C LEU A 161 14.99 -23.18 1.04
N ASP A 162 15.53 -22.03 0.71
CA ASP A 162 14.77 -20.80 0.61
C ASP A 162 13.63 -20.90 -0.40
N GLN A 163 13.87 -21.45 -1.57
CA GLN A 163 13.04 -21.59 -2.61
CA GLN A 163 13.07 -21.62 -2.63
C GLN A 163 12.17 -23.07 -2.93
N VAL A 164 12.47 -23.84 -1.76
CA VAL A 164 11.53 -24.89 -1.38
C VAL A 164 10.47 -24.31 -0.47
N LEU A 165 10.89 -23.58 0.56
CA LEU A 165 9.95 -23.03 1.52
C LEU A 165 9.04 -21.99 0.87
N GLY A 166 9.64 -20.97 0.24
CA GLY A 166 8.85 -19.93 -0.39
C GLY A 166 7.85 -20.48 -1.39
N THR A 167 8.29 -21.40 -2.26
CA THR A 167 7.39 -21.91 -3.29
C THR A 167 6.33 -22.82 -2.70
N GLY A 168 6.67 -23.57 -1.65
CA GLY A 168 5.67 -24.40 -1.00
C GLY A 168 4.61 -23.56 -0.31
N MET A 169 5.03 -22.46 0.33
CA MET A 169 4.05 -21.54 0.88
C MET A 169 3.15 -21.00 -0.22
N LEU A 170 3.76 -20.43 -1.27
CA LEU A 170 2.96 -19.98 -2.40
C LEU A 170 1.95 -21.04 -2.84
N ILE A 171 2.42 -22.28 -3.06
CA ILE A 171 1.59 -23.33 -3.64
C ILE A 171 0.43 -23.69 -2.72
N VAL A 172 0.69 -23.71 -1.41
CA VAL A 172 -0.38 -24.03 -0.49
C VAL A 172 -1.41 -22.92 -0.50
N GLY A 173 -0.95 -21.67 -0.64
CA GLY A 173 -1.89 -20.56 -0.71
C GLY A 173 -2.75 -20.60 -1.97
N LEU A 174 -2.11 -20.82 -3.12
CA LEU A 174 -2.83 -20.96 -4.38
C LEU A 174 -3.83 -22.11 -4.34
N LEU A 175 -3.42 -23.28 -3.85
CA LEU A 175 -4.34 -24.42 -3.82
C LEU A 175 -5.53 -24.13 -2.91
N ALA A 176 -5.29 -23.48 -1.77
CA ALA A 176 -6.38 -23.17 -0.88
C ALA A 176 -7.33 -22.12 -1.48
N ILE A 177 -6.79 -21.20 -2.30
CA ILE A 177 -7.64 -20.24 -3.00
C ILE A 177 -8.40 -20.92 -4.13
N LEU A 178 -7.72 -21.74 -4.89
CA LEU A 178 -8.35 -22.46 -5.96
C LEU A 178 -9.45 -23.39 -5.48
N ASP A 179 -9.29 -23.94 -4.29
CA ASP A 179 -10.24 -24.86 -3.72
C ASP A 179 -11.57 -24.20 -3.42
N ARG A 180 -12.55 -24.50 -4.26
CA ARG A 180 -13.88 -23.94 -4.13
C ARG A 180 -14.62 -24.24 -2.86
N ARG A 181 -14.23 -25.28 -2.14
CA ARG A 181 -14.93 -25.58 -0.91
C ARG A 181 -14.46 -24.79 0.30
N ASN A 182 -13.42 -24.01 0.06
CA ASN A 182 -12.85 -23.18 1.09
C ASN A 182 -13.52 -21.85 1.03
N LYS A 183 -13.86 -21.30 2.17
CA LYS A 183 -14.44 -19.99 2.17
C LYS A 183 -13.19 -19.21 2.38
N GLY A 184 -12.86 -18.34 1.45
CA GLY A 184 -11.64 -17.61 1.62
C GLY A 184 -11.80 -16.18 1.24
N VAL A 185 -11.37 -15.88 0.04
CA VAL A 185 -11.45 -14.56 -0.46
C VAL A 185 -12.59 -14.48 -1.43
N PRO A 186 -13.05 -13.29 -1.69
CA PRO A 186 -14.20 -13.09 -2.55
C PRO A 186 -14.01 -13.13 -4.03
N ALA A 187 -14.90 -13.84 -4.69
CA ALA A 187 -14.97 -13.80 -6.11
C ALA A 187 -14.52 -12.51 -6.74
N GLY A 188 -13.58 -12.65 -7.64
CA GLY A 188 -13.07 -11.53 -8.40
C GLY A 188 -11.91 -10.78 -7.77
N LEU A 189 -11.54 -11.12 -6.52
CA LEU A 189 -10.40 -10.51 -5.83
C LEU A 189 -9.27 -11.49 -5.55
N GLU A 190 -9.40 -12.77 -5.97
CA GLU A 190 -8.36 -13.75 -5.64
C GLU A 190 -6.98 -13.32 -6.13
N PRO A 191 -6.81 -12.73 -7.32
CA PRO A 191 -5.47 -12.31 -7.74
C PRO A 191 -4.89 -11.22 -6.86
N VAL A 192 -5.76 -10.42 -6.24
CA VAL A 192 -5.28 -9.37 -5.34
C VAL A 192 -4.69 -9.97 -4.07
N VAL A 193 -5.35 -10.99 -3.50
CA VAL A 193 -4.79 -11.62 -2.31
C VAL A 193 -3.52 -12.39 -2.64
N VAL A 194 -3.47 -13.00 -3.83
CA VAL A 194 -2.24 -13.64 -4.23
C VAL A 194 -1.12 -12.61 -4.28
N GLY A 195 -1.43 -11.41 -4.83
CA GLY A 195 -0.45 -10.33 -4.84
C GLY A 195 0.03 -9.97 -3.45
N MET A 196 -0.90 -9.90 -2.48
CA MET A 196 -0.51 -9.68 -1.08
C MET A 196 0.50 -10.73 -0.61
N LEU A 197 0.26 -12.01 -0.93
CA LEU A 197 1.17 -13.07 -0.48
C LEU A 197 2.54 -12.92 -1.15
N ILE A 198 2.55 -12.58 -2.43
CA ILE A 198 3.81 -12.35 -3.13
C ILE A 198 4.58 -11.23 -2.47
N LEU A 199 3.90 -10.15 -2.09
CA LEU A 199 4.53 -9.02 -1.41
C LEU A 199 5.11 -9.47 -0.07
N ALA A 200 4.30 -10.19 0.72
CA ALA A 200 4.75 -10.72 1.99
C ALA A 200 5.98 -11.61 1.80
N LEU A 201 5.92 -12.54 0.87
CA LEU A 201 7.10 -13.37 0.64
C LEU A 201 8.28 -12.51 0.20
N GLY A 202 8.04 -11.48 -0.63
CA GLY A 202 9.15 -10.69 -1.14
C GLY A 202 9.87 -9.93 -0.04
N LEU A 203 9.11 -9.41 0.93
CA LEU A 203 9.63 -8.59 2.01
C LEU A 203 10.14 -9.43 3.19
N SER A 204 9.78 -10.72 3.28
CA SER A 204 10.20 -11.58 4.38
C SER A 204 11.15 -12.67 3.97
N MET A 205 11.15 -13.07 2.70
CA MET A 205 11.96 -14.17 2.18
C MET A 205 12.54 -13.84 0.81
N GLY A 206 12.80 -12.57 0.56
CA GLY A 206 13.27 -12.19 -0.75
C GLY A 206 14.74 -11.85 -0.75
N ALA A 207 15.34 -11.72 0.43
CA ALA A 207 16.71 -11.22 0.53
C ALA A 207 17.74 -12.24 0.04
N ASN A 208 17.52 -13.54 0.28
CA ASN A 208 18.52 -14.55 -0.09
C ASN A 208 18.73 -14.59 -1.61
N CYS A 209 17.63 -14.59 -2.36
CA CYS A 209 17.79 -14.71 -3.82
C CYS A 209 16.59 -14.22 -4.60
N GLY A 210 15.72 -13.36 -4.05
CA GLY A 210 14.73 -12.69 -4.85
C GLY A 210 13.52 -13.48 -5.28
N ILE A 211 13.04 -14.42 -4.45
CA ILE A 211 11.79 -15.18 -4.66
C ILE A 211 11.46 -15.36 -6.14
N PRO A 212 12.33 -16.00 -6.92
CA PRO A 212 11.91 -16.35 -8.27
C PRO A 212 10.60 -17.16 -8.24
N LEU A 213 10.54 -18.25 -7.46
CA LEU A 213 9.32 -18.98 -7.13
C LEU A 213 8.72 -19.70 -8.33
N ASN A 214 9.42 -19.75 -9.43
CA ASN A 214 8.82 -20.00 -10.72
C ASN A 214 9.95 -20.30 -11.69
N PRO A 215 10.08 -21.56 -12.12
CA PRO A 215 11.25 -21.93 -12.92
C PRO A 215 11.24 -21.31 -14.30
N ALA A 216 10.07 -21.13 -14.91
CA ALA A 216 10.04 -20.45 -16.20
C ALA A 216 10.44 -18.99 -16.04
N ARG A 217 9.91 -18.33 -15.00
CA ARG A 217 10.29 -16.95 -14.70
C ARG A 217 11.80 -16.77 -14.61
N ASP A 218 12.53 -17.84 -14.26
CA ASP A 218 13.96 -17.69 -14.07
C ASP A 218 14.78 -18.26 -15.23
N LEU A 219 14.43 -19.44 -15.74
CA LEU A 219 15.26 -20.07 -16.77
C LEU A 219 15.03 -19.43 -18.14
N GLY A 220 13.79 -19.10 -18.48
CA GLY A 220 13.50 -18.48 -19.76
C GLY A 220 14.34 -17.23 -19.99
N PRO A 221 14.32 -16.31 -19.02
CA PRO A 221 15.13 -15.08 -19.16
C PRO A 221 16.63 -15.33 -19.07
N ARG A 222 17.05 -16.28 -18.23
CA ARG A 222 18.48 -16.60 -18.19
C ARG A 222 18.95 -17.04 -19.57
N LEU A 223 18.18 -17.91 -20.22
CA LEU A 223 18.52 -18.32 -21.58
C LEU A 223 18.53 -17.12 -22.51
N PHE A 224 17.57 -16.19 -22.35
CA PHE A 224 17.59 -14.99 -23.17
C PHE A 224 18.91 -14.24 -23.01
N THR A 225 19.34 -14.00 -21.76
CA THR A 225 20.59 -13.27 -21.58
C THR A 225 21.81 -14.09 -22.01
N TYR A 226 21.72 -15.42 -21.98
CA TYR A 226 22.83 -16.19 -22.49
C TYR A 226 23.07 -15.89 -23.96
N VAL A 227 22.02 -15.76 -24.76
CA VAL A 227 22.22 -15.61 -26.19
C VAL A 227 22.14 -14.17 -26.67
N ALA A 228 21.71 -13.24 -25.82
CA ALA A 228 21.49 -11.87 -26.24
C ALA A 228 22.60 -10.93 -25.82
N GLY A 229 23.77 -11.46 -25.44
CA GLY A 229 24.92 -10.61 -25.15
C GLY A 229 25.62 -10.79 -23.82
N TRP A 230 25.03 -11.53 -22.89
CA TRP A 230 25.63 -11.66 -21.57
C TRP A 230 26.52 -12.90 -21.45
N GLY A 231 26.28 -13.93 -22.26
CA GLY A 231 27.21 -15.03 -22.38
C GLY A 231 27.07 -16.12 -21.31
N PRO A 232 28.05 -17.03 -21.28
CA PRO A 232 27.91 -18.21 -20.40
C PRO A 232 27.97 -17.89 -18.93
N GLU A 233 28.51 -16.74 -18.53
CA GLU A 233 28.58 -16.49 -17.10
C GLU A 233 27.21 -16.46 -16.42
N VAL A 234 26.11 -16.35 -17.18
CA VAL A 234 24.80 -16.41 -16.54
C VAL A 234 24.53 -17.79 -15.97
N PHE A 235 25.27 -18.83 -16.42
CA PHE A 235 25.14 -20.19 -15.92
C PHE A 235 26.21 -20.57 -14.90
N SER A 236 27.37 -19.95 -14.92
CA SER A 236 28.37 -20.23 -13.90
C SER A 236 28.28 -19.30 -12.70
N ALA A 237 27.63 -18.14 -12.83
CA ALA A 237 27.59 -17.18 -11.74
C ALA A 237 26.90 -17.76 -10.50
N GLY A 238 27.32 -17.27 -9.34
CA GLY A 238 26.73 -17.71 -8.08
C GLY A 238 26.96 -19.18 -7.81
N ASN A 239 28.14 -19.71 -8.16
CA ASN A 239 28.45 -21.14 -7.98
C ASN A 239 27.49 -22.02 -8.76
N GLY A 240 27.29 -21.69 -10.04
CA GLY A 240 26.37 -22.50 -10.85
C GLY A 240 24.93 -22.38 -10.38
N TRP A 241 24.51 -21.17 -10.03
CA TRP A 241 23.23 -20.99 -9.36
C TRP A 241 22.04 -21.41 -10.23
N TRP A 242 22.20 -21.47 -11.55
CA TRP A 242 21.05 -21.48 -12.46
C TRP A 242 20.03 -22.57 -12.13
N TRP A 243 20.48 -23.75 -11.66
CA TRP A 243 19.55 -24.87 -11.55
C TRP A 243 18.73 -24.83 -10.27
N VAL A 244 19.14 -24.07 -9.27
CA VAL A 244 18.36 -24.00 -8.03
C VAL A 244 16.97 -23.41 -8.27
N PRO A 245 16.82 -22.25 -8.93
CA PRO A 245 15.46 -21.73 -9.22
C PRO A 245 14.65 -22.63 -10.15
N VAL A 246 15.28 -23.58 -10.82
CA VAL A 246 14.55 -24.57 -11.58
C VAL A 246 14.04 -25.70 -10.67
N VAL A 247 14.96 -26.33 -9.92
CA VAL A 247 14.65 -27.58 -9.19
C VAL A 247 13.90 -27.28 -7.89
N ALA A 248 14.40 -26.34 -7.08
CA ALA A 248 13.80 -26.07 -5.78
C ALA A 248 12.31 -25.74 -5.85
N PRO A 249 11.85 -24.81 -6.69
CA PRO A 249 10.39 -24.60 -6.77
C PRO A 249 9.60 -25.86 -7.09
N LEU A 250 10.16 -26.77 -7.91
CA LEU A 250 9.47 -28.02 -8.20
C LEU A 250 9.37 -28.89 -6.94
N VAL A 251 10.45 -28.97 -6.16
CA VAL A 251 10.42 -29.63 -4.86
C VAL A 251 9.42 -28.94 -3.94
N GLY A 252 9.40 -27.61 -3.95
CA GLY A 252 8.46 -26.89 -3.10
C GLY A 252 7.02 -27.12 -3.46
N ALA A 253 6.72 -27.30 -4.74
CA ALA A 253 5.36 -27.55 -5.18
C ALA A 253 4.90 -28.95 -4.78
N THR A 254 5.80 -29.95 -4.85
CA THR A 254 5.45 -31.30 -4.44
C THR A 254 5.14 -31.36 -2.96
N VAL A 255 6.05 -30.81 -2.14
CA VAL A 255 5.86 -30.79 -0.70
C VAL A 255 4.64 -29.95 -0.32
N GLY A 256 4.44 -28.83 -1.02
CA GLY A 256 3.27 -28.01 -0.75
C GLY A 256 1.97 -28.69 -1.16
N THR A 257 1.97 -29.36 -2.30
CA THR A 257 0.75 -30.06 -2.67
C THR A 257 0.44 -31.19 -1.69
N ALA A 258 1.45 -31.96 -1.29
CA ALA A 258 1.23 -33.02 -0.30
C ALA A 258 0.72 -32.45 1.01
N THR A 259 1.32 -31.36 1.49
CA THR A 259 0.85 -30.72 2.71
C THR A 259 -0.61 -30.33 2.57
N TYR A 260 -0.98 -29.72 1.44
CA TYR A 260 -2.35 -29.26 1.26
C TYR A 260 -3.32 -30.44 1.18
N GLN A 261 -3.00 -31.45 0.37
CA GLN A 261 -3.81 -32.66 0.33
C GLN A 261 -3.96 -33.28 1.71
N LEU A 262 -2.89 -33.31 2.51
CA LEU A 262 -3.02 -33.89 3.85
C LEU A 262 -3.99 -33.05 4.69
N LEU A 263 -3.79 -31.71 4.69
CA LEU A 263 -4.68 -30.85 5.46
C LEU A 263 -6.15 -31.06 5.07
N VAL A 264 -6.41 -31.18 3.77
CA VAL A 264 -7.77 -31.48 3.36
C VAL A 264 -8.21 -32.81 3.94
N ALA A 265 -7.33 -33.82 3.90
CA ALA A 265 -7.76 -35.14 4.39
C ALA A 265 -8.02 -35.09 5.89
N LEU A 266 -7.29 -34.28 6.62
CA LEU A 266 -7.52 -34.22 8.03
C LEU A 266 -8.80 -33.51 8.35
N HIS A 267 -9.32 -32.75 7.40
CA HIS A 267 -10.51 -31.99 7.65
C HIS A 267 -11.81 -32.52 7.10
N HIS A 268 -11.73 -33.44 6.15
CA HIS A 268 -12.90 -34.09 5.57
C HIS A 268 -12.57 -34.82 4.29
N SER B 18 -31.32 14.71 -23.61
CA SER B 18 -29.96 14.72 -24.15
C SER B 18 -28.90 14.84 -23.04
N LEU B 19 -27.94 13.93 -23.02
CA LEU B 19 -26.98 13.89 -21.94
C LEU B 19 -25.59 14.39 -22.33
N LEU B 20 -25.46 15.06 -23.48
CA LEU B 20 -24.14 15.57 -23.89
C LEU B 20 -23.55 16.51 -22.84
N ALA B 21 -24.35 17.41 -22.28
CA ALA B 21 -23.80 18.36 -21.33
C ALA B 21 -23.36 17.65 -20.05
N ARG B 22 -24.15 16.67 -19.57
CA ARG B 22 -23.76 15.92 -18.38
C ARG B 22 -22.52 15.04 -18.65
N GLN B 23 -22.42 14.49 -19.86
CA GLN B 23 -21.23 13.72 -20.21
C GLN B 23 -19.99 14.60 -20.19
N CYS B 24 -20.13 15.87 -20.64
CA CYS B 24 -19.04 16.83 -20.65
C CYS B 24 -18.67 17.26 -19.24
N LEU B 25 -19.67 17.43 -18.39
CA LEU B 25 -19.40 17.80 -17.01
C LEU B 25 -18.60 16.70 -16.30
N ALA B 26 -18.96 15.43 -16.54
CA ALA B 26 -18.26 14.32 -15.90
C ALA B 26 -16.81 14.25 -16.37
N GLU B 27 -16.59 14.41 -17.69
CA GLU B 27 -15.22 14.48 -18.18
C GLU B 27 -14.47 15.59 -17.46
N PHE B 28 -15.10 16.76 -17.33
CA PHE B 28 -14.40 17.91 -16.79
C PHE B 28 -14.05 17.70 -15.32
N LEU B 29 -15.03 17.26 -14.52
CA LEU B 29 -14.79 16.98 -13.11
C LEU B 29 -13.70 15.93 -12.91
N GLY B 30 -13.80 14.79 -13.60
CA GLY B 30 -12.86 13.71 -13.38
C GLY B 30 -11.44 14.10 -13.76
N VAL B 31 -11.28 14.67 -14.95
CA VAL B 31 -9.95 15.08 -15.37
C VAL B 31 -9.39 16.08 -14.35
N PHE B 32 -10.27 16.94 -13.83
CA PHE B 32 -9.81 18.01 -12.95
C PHE B 32 -9.24 17.44 -11.66
N VAL B 33 -9.97 16.51 -11.02
CA VAL B 33 -9.42 15.81 -9.86
C VAL B 33 -8.17 15.03 -10.23
N LEU B 34 -8.21 14.33 -11.37
CA LEU B 34 -7.04 13.58 -11.86
C LEU B 34 -5.79 14.43 -11.86
N MET B 35 -5.89 15.65 -12.41
CA MET B 35 -4.72 16.46 -12.67
C MET B 35 -4.21 17.15 -11.40
N LEU B 36 -5.12 17.68 -10.58
CA LEU B 36 -4.75 18.28 -9.30
C LEU B 36 -3.91 17.29 -8.49
N LEU B 37 -4.47 16.09 -8.23
CA LEU B 37 -3.73 15.10 -7.45
C LEU B 37 -2.42 14.72 -8.14
N THR B 38 -2.45 14.47 -9.45
CA THR B 38 -1.23 14.04 -10.13
C THR B 38 -0.15 15.13 -10.08
N GLN B 39 -0.50 16.34 -10.53
CA GLN B 39 0.50 17.41 -10.60
C GLN B 39 0.93 17.83 -9.19
N GLY B 40 -0.03 17.89 -8.26
CA GLY B 40 0.32 18.30 -6.91
C GLY B 40 1.41 17.42 -6.32
N ALA B 41 1.34 16.12 -6.59
CA ALA B 41 2.31 15.20 -6.01
C ALA B 41 3.70 15.47 -6.58
N VAL B 42 3.79 15.82 -7.88
CA VAL B 42 5.09 16.21 -8.45
C VAL B 42 5.56 17.51 -7.80
N ALA B 43 4.66 18.49 -7.70
CA ALA B 43 5.04 19.78 -7.12
C ALA B 43 5.50 19.61 -5.68
N GLN B 44 4.79 18.78 -4.92
CA GLN B 44 5.16 18.52 -3.53
C GLN B 44 6.56 17.93 -3.45
N ALA B 45 6.87 16.95 -4.32
CA ALA B 45 8.20 16.33 -4.34
C ALA B 45 9.27 17.35 -4.78
N VAL B 46 9.10 17.96 -5.96
CA VAL B 46 10.13 18.84 -6.51
C VAL B 46 10.37 20.02 -5.58
N THR B 47 9.28 20.61 -5.13
CA THR B 47 9.31 21.90 -4.47
C THR B 47 9.81 21.77 -3.04
N SER B 48 9.66 20.59 -2.43
CA SER B 48 10.15 20.38 -1.08
C SER B 48 11.59 19.91 -1.07
N GLY B 49 12.24 19.88 -2.22
CA GLY B 49 13.56 19.28 -2.31
C GLY B 49 13.50 17.81 -1.96
N GLU B 50 12.39 17.14 -2.29
CA GLU B 50 12.17 15.73 -1.98
C GLU B 50 12.15 15.44 -0.48
N THR B 51 11.81 16.42 0.36
CA THR B 51 11.56 16.18 1.78
C THR B 51 10.11 15.82 2.07
N LYS B 52 9.16 16.09 1.18
CA LYS B 52 7.76 15.70 1.37
C LYS B 52 7.24 14.83 0.23
N GLY B 53 8.11 14.38 -0.67
CA GLY B 53 7.70 13.53 -1.78
C GLY B 53 8.96 13.09 -2.52
N ASN B 54 8.79 12.05 -3.35
CA ASN B 54 9.89 11.54 -4.17
C ASN B 54 9.31 10.78 -5.35
N PHE B 55 10.18 10.11 -6.11
CA PHE B 55 9.72 9.32 -7.25
C PHE B 55 8.60 8.38 -6.85
N PHE B 56 8.71 7.76 -5.66
CA PHE B 56 7.73 6.73 -5.29
C PHE B 56 6.39 7.33 -4.91
N THR B 57 6.40 8.38 -4.10
CA THR B 57 5.13 9.04 -3.80
C THR B 57 4.51 9.67 -5.06
N MET B 58 5.33 10.06 -6.03
CA MET B 58 4.75 10.57 -7.28
C MET B 58 4.01 9.47 -8.03
N PHE B 59 4.65 8.30 -8.18
CA PHE B 59 3.98 7.16 -8.81
C PHE B 59 2.75 6.71 -8.00
N LEU B 60 2.87 6.65 -6.67
CA LEU B 60 1.72 6.23 -5.88
C LEU B 60 0.61 7.28 -5.94
N ALA B 61 0.95 8.56 -5.82
CA ALA B 61 -0.07 9.59 -5.93
C ALA B 61 -0.77 9.54 -7.28
N GLY B 62 -0.03 9.30 -8.37
CA GLY B 62 -0.69 9.20 -9.66
C GLY B 62 -1.67 8.04 -9.72
N SER B 63 -1.36 6.94 -9.01
CA SER B 63 -2.28 5.80 -8.89
C SER B 63 -3.53 6.18 -8.14
N LEU B 64 -3.36 6.75 -6.95
CA LEU B 64 -4.51 7.17 -6.17
C LEU B 64 -5.35 8.14 -6.97
N ALA B 65 -4.71 9.07 -7.68
CA ALA B 65 -5.45 10.06 -8.44
C ALA B 65 -6.37 9.39 -9.46
N VAL B 66 -5.88 8.35 -10.15
CA VAL B 66 -6.71 7.68 -11.14
C VAL B 66 -7.90 6.99 -10.46
N THR B 67 -7.65 6.36 -9.31
CA THR B 67 -8.73 5.71 -8.56
C THR B 67 -9.78 6.74 -8.14
N ILE B 68 -9.35 7.84 -7.51
CA ILE B 68 -10.29 8.87 -7.07
C ILE B 68 -11.05 9.46 -8.29
N ALA B 69 -10.33 9.85 -9.34
CA ALA B 69 -10.97 10.46 -10.51
C ALA B 69 -11.99 9.54 -11.16
N ILE B 70 -11.73 8.24 -11.18
CA ILE B 70 -12.67 7.32 -11.82
C ILE B 70 -13.94 7.15 -10.98
N TYR B 71 -13.81 7.06 -9.65
CA TYR B 71 -15.00 7.11 -8.81
C TYR B 71 -15.81 8.39 -9.10
N VAL B 72 -15.11 9.53 -9.13
CA VAL B 72 -15.75 10.81 -9.36
C VAL B 72 -16.48 10.81 -10.70
N GLY B 73 -15.87 10.23 -11.72
CA GLY B 73 -16.48 10.15 -13.03
C GLY B 73 -17.55 9.10 -13.21
N GLY B 74 -17.96 8.44 -12.13
CA GLY B 74 -18.97 7.41 -12.22
C GLY B 74 -18.44 6.02 -12.55
N ASN B 75 -17.19 5.74 -12.22
CA ASN B 75 -16.63 4.39 -12.39
C ASN B 75 -16.20 4.19 -13.83
N VAL B 76 -15.69 3.00 -14.16
CA VAL B 76 -15.06 2.78 -15.45
C VAL B 76 -16.04 2.97 -16.60
N SER B 77 -17.33 2.69 -16.38
CA SER B 77 -18.30 2.88 -17.44
C SER B 77 -18.82 4.32 -17.51
N GLY B 78 -18.28 5.22 -16.68
CA GLY B 78 -18.67 6.63 -16.69
C GLY B 78 -17.76 7.49 -17.55
N ALA B 79 -17.18 8.56 -16.96
CA ALA B 79 -16.30 9.46 -17.69
C ALA B 79 -15.08 8.71 -18.22
N HIS B 80 -14.59 9.16 -19.39
CA HIS B 80 -13.44 8.53 -20.02
C HIS B 80 -12.12 9.02 -19.43
N LEU B 81 -12.00 10.34 -19.24
CA LEU B 81 -10.88 11.01 -18.57
C LEU B 81 -9.61 11.05 -19.39
N ASN B 82 -9.65 10.61 -20.66
CA ASN B 82 -8.42 10.28 -21.38
C ASN B 82 -8.75 10.14 -22.86
N PRO B 83 -8.16 11.00 -23.71
CA PRO B 83 -8.44 10.91 -25.16
C PRO B 83 -8.21 9.55 -25.71
N ALA B 84 -7.24 8.80 -25.15
CA ALA B 84 -6.92 7.47 -25.62
C ALA B 84 -8.03 6.49 -25.29
N PHE B 85 -8.63 6.60 -24.09
CA PHE B 85 -9.79 5.75 -23.82
C PHE B 85 -10.99 6.16 -24.68
N SER B 86 -11.21 7.47 -24.87
CA SER B 86 -12.30 7.91 -25.74
C SER B 86 -12.14 7.35 -27.15
N LEU B 87 -10.92 7.43 -27.71
CA LEU B 87 -10.64 6.79 -28.99
C LEU B 87 -11.02 5.30 -28.96
N ALA B 88 -10.66 4.60 -27.88
CA ALA B 88 -11.00 3.19 -27.77
C ALA B 88 -12.52 2.99 -27.73
N MET B 89 -13.22 3.87 -27.02
CA MET B 89 -14.69 3.79 -27.01
C MET B 89 -15.27 3.95 -28.41
N CYS B 90 -14.71 4.86 -29.24
CA CYS B 90 -15.18 4.95 -30.62
C CYS B 90 -14.90 3.67 -31.41
N ILE B 91 -13.67 3.17 -31.36
CA ILE B 91 -13.34 1.97 -32.14
C ILE B 91 -14.32 0.83 -31.82
N VAL B 92 -14.59 0.58 -30.54
CA VAL B 92 -15.49 -0.52 -30.20
C VAL B 92 -16.95 -0.15 -30.33
N GLY B 93 -17.26 1.08 -30.76
CA GLY B 93 -18.63 1.43 -31.08
C GLY B 93 -19.46 1.86 -29.90
N ARG B 94 -18.82 2.26 -28.79
CA ARG B 94 -19.56 2.76 -27.64
C ARG B 94 -19.69 4.28 -27.62
N LEU B 95 -18.71 5.01 -28.16
CA LEU B 95 -18.86 6.46 -28.33
C LEU B 95 -19.02 6.78 -29.80
N PRO B 96 -20.06 7.52 -30.18
CA PRO B 96 -20.16 8.04 -31.55
C PRO B 96 -18.90 8.81 -31.95
N TRP B 97 -18.42 8.57 -33.17
CA TRP B 97 -17.27 9.32 -33.66
C TRP B 97 -17.46 10.84 -33.57
N VAL B 98 -18.67 11.34 -33.84
CA VAL B 98 -18.85 12.79 -33.80
C VAL B 98 -18.72 13.37 -32.40
N LYS B 99 -18.78 12.56 -31.35
CA LYS B 99 -18.54 13.13 -30.03
C LYS B 99 -17.06 13.14 -29.64
N LEU B 100 -16.20 12.40 -30.36
CA LEU B 100 -14.81 12.32 -29.96
C LEU B 100 -14.14 13.69 -29.86
N PRO B 101 -14.30 14.62 -30.83
CA PRO B 101 -13.66 15.93 -30.67
C PRO B 101 -14.19 16.73 -29.48
N ILE B 102 -15.45 16.54 -29.08
CA ILE B 102 -15.96 17.24 -27.91
C ILE B 102 -15.31 16.72 -26.63
N TYR B 103 -15.29 15.39 -26.45
CA TYR B 103 -14.67 14.80 -25.26
C TYR B 103 -13.21 15.22 -25.12
N ILE B 104 -12.43 15.10 -26.21
CA ILE B 104 -11.02 15.44 -26.15
C ILE B 104 -10.84 16.91 -25.80
N LEU B 105 -11.65 17.79 -26.41
CA LEU B 105 -11.58 19.22 -26.09
C LEU B 105 -11.89 19.47 -24.62
N VAL B 106 -12.94 18.83 -24.07
CA VAL B 106 -13.26 19.03 -22.66
C VAL B 106 -12.13 18.50 -21.77
N GLN B 107 -11.60 17.32 -22.11
CA GLN B 107 -10.50 16.75 -21.35
C GLN B 107 -9.28 17.66 -21.38
N LEU B 108 -8.97 18.20 -22.56
CA LEU B 108 -7.83 19.09 -22.71
C LEU B 108 -8.02 20.39 -21.91
N LEU B 109 -9.23 20.93 -21.92
CA LEU B 109 -9.50 22.18 -21.21
C LEU B 109 -9.44 21.96 -19.69
N SER B 110 -10.03 20.87 -19.20
CA SER B 110 -9.97 20.58 -17.77
C SER B 110 -8.53 20.41 -17.28
N ALA B 111 -7.71 19.68 -18.04
CA ALA B 111 -6.31 19.52 -17.66
C ALA B 111 -5.57 20.87 -17.63
N PHE B 112 -5.87 21.75 -18.61
CA PHE B 112 -5.30 23.10 -18.64
C PHE B 112 -5.73 23.91 -17.42
N CYS B 113 -7.03 23.89 -17.09
CA CYS B 113 -7.51 24.61 -15.91
C CYS B 113 -6.92 24.03 -14.62
N ALA B 114 -6.92 22.70 -14.47
CA ALA B 114 -6.33 22.11 -13.26
C ALA B 114 -4.86 22.52 -13.09
N SER B 115 -4.13 22.73 -14.20
CA SER B 115 -2.75 23.20 -14.05
C SER B 115 -2.72 24.59 -13.47
N GLY B 116 -3.70 25.43 -13.85
CA GLY B 116 -3.82 26.73 -13.21
C GLY B 116 -4.03 26.60 -11.71
N ALA B 117 -4.90 25.66 -11.30
CA ALA B 117 -5.15 25.45 -9.88
C ALA B 117 -3.88 25.00 -9.14
N THR B 118 -3.12 24.07 -9.74
CA THR B 118 -1.85 23.63 -9.15
C THR B 118 -0.89 24.79 -8.98
N TYR B 119 -0.74 25.59 -10.03
CA TYR B 119 0.11 26.76 -9.95
C TYR B 119 -0.28 27.67 -8.77
N VAL B 120 -1.58 27.90 -8.57
CA VAL B 120 -2.02 28.74 -7.46
C VAL B 120 -1.78 28.05 -6.13
N LEU B 121 -2.17 26.78 -6.03
CA LEU B 121 -1.90 25.98 -4.85
C LEU B 121 -0.44 26.08 -4.41
N TYR B 122 0.50 25.95 -5.36
CA TYR B 122 1.93 25.91 -5.05
C TYR B 122 2.65 27.20 -5.37
N HIS B 123 1.92 28.32 -5.42
CA HIS B 123 2.50 29.61 -5.77
C HIS B 123 3.71 29.96 -4.90
N ASP B 124 3.53 29.99 -3.56
CA ASP B 124 4.64 30.36 -2.69
C ASP B 124 5.79 29.36 -2.81
N ALA B 125 5.49 28.06 -2.95
CA ALA B 125 6.54 27.03 -3.01
C ALA B 125 7.33 27.11 -4.31
N LEU B 126 6.64 27.37 -5.42
CA LEU B 126 7.33 27.62 -6.69
C LEU B 126 8.29 28.79 -6.57
N GLN B 127 7.81 29.91 -6.03
CA GLN B 127 8.69 31.07 -5.89
C GLN B 127 9.87 30.76 -4.99
N ASN B 128 9.64 30.02 -3.91
CA ASN B 128 10.73 29.66 -3.02
C ASN B 128 11.71 28.68 -3.69
N TYR B 129 11.18 27.73 -4.47
CA TYR B 129 12.06 26.80 -5.16
C TYR B 129 12.82 27.49 -6.28
N THR B 130 12.18 28.40 -7.00
CA THR B 130 12.72 28.88 -8.26
C THR B 130 13.28 30.30 -8.20
N GLY B 131 13.05 31.02 -7.10
CA GLY B 131 13.28 32.46 -7.05
C GLY B 131 12.61 33.23 -8.17
N GLY B 132 11.55 32.70 -8.76
CA GLY B 132 10.87 33.34 -9.86
C GLY B 132 11.34 32.91 -11.24
N ASN B 133 12.40 32.12 -11.33
CA ASN B 133 12.96 31.70 -12.61
C ASN B 133 12.29 30.39 -13.06
N LEU B 134 11.42 30.49 -14.08
CA LEU B 134 10.63 29.36 -14.56
C LEU B 134 11.33 28.70 -15.75
N THR B 135 11.90 27.54 -15.52
CA THR B 135 12.61 26.88 -16.58
C THR B 135 12.18 25.47 -16.88
N VAL B 136 12.71 24.96 -17.95
CA VAL B 136 12.53 23.63 -18.44
C VAL B 136 13.97 23.15 -18.49
N THR B 137 14.27 21.92 -18.13
CA THR B 137 15.67 21.42 -18.22
C THR B 137 16.77 21.55 -17.14
N GLY B 138 16.92 22.67 -16.43
CA GLY B 138 17.99 22.76 -15.45
C GLY B 138 17.80 22.09 -14.09
N PRO B 139 18.72 22.34 -13.17
CA PRO B 139 18.57 21.85 -11.79
C PRO B 139 17.38 22.44 -11.02
N LYS B 140 16.81 23.57 -11.43
CA LYS B 140 15.61 24.10 -10.80
C LYS B 140 14.41 24.07 -11.73
N GLU B 141 14.43 23.19 -12.71
CA GLU B 141 13.37 23.09 -13.69
C GLU B 141 12.06 22.71 -13.00
N THR B 142 10.96 23.40 -13.35
CA THR B 142 9.65 23.10 -12.79
C THR B 142 8.61 22.82 -13.87
N ALA B 143 9.01 22.80 -15.13
CA ALA B 143 8.06 22.51 -16.19
C ALA B 143 7.48 21.10 -16.04
N SER B 144 8.27 20.15 -15.53
CA SER B 144 7.77 18.76 -15.46
C SER B 144 6.82 18.54 -14.29
N ILE B 145 6.54 19.59 -13.49
CA ILE B 145 5.42 19.51 -12.56
C ILE B 145 4.12 19.29 -13.34
N PHE B 146 4.02 19.91 -14.51
CA PHE B 146 2.77 19.98 -15.23
C PHE B 146 2.65 18.94 -16.34
N ALA B 147 3.62 18.87 -17.23
CA ALA B 147 3.67 17.93 -18.33
C ALA B 147 4.90 17.04 -18.18
N THR B 148 5.04 16.05 -19.06
CA THR B 148 6.11 15.06 -18.94
C THR B 148 7.23 15.33 -19.92
N TYR B 149 8.44 15.07 -19.45
CA TYR B 149 9.63 15.17 -20.28
C TYR B 149 10.38 13.85 -20.26
N PRO B 150 11.08 13.50 -21.33
CA PRO B 150 11.75 12.20 -21.38
C PRO B 150 13.06 12.24 -20.62
N ALA B 151 13.54 11.05 -20.26
CA ALA B 151 14.85 10.93 -19.68
C ALA B 151 15.86 11.48 -20.70
N PRO B 152 16.92 12.12 -20.24
CA PRO B 152 17.94 12.64 -21.19
C PRO B 152 18.46 11.61 -22.19
N TYR B 153 18.53 10.31 -21.82
CA TYR B 153 19.06 9.32 -22.74
C TYR B 153 18.03 8.87 -23.79
N LEU B 154 16.76 9.23 -23.62
CA LEU B 154 15.69 8.58 -24.38
C LEU B 154 15.60 9.11 -25.81
N SER B 155 15.69 8.22 -26.80
CA SER B 155 15.40 8.60 -28.18
C SER B 155 13.90 8.67 -28.39
N LEU B 156 13.49 9.41 -29.42
CA LEU B 156 12.06 9.51 -29.72
C LEU B 156 11.48 8.13 -30.06
N ASN B 157 12.25 7.28 -30.75
CA ASN B 157 11.80 5.92 -31.02
C ASN B 157 11.49 5.16 -29.72
N ASN B 158 12.46 5.08 -28.80
CA ASN B 158 12.21 4.37 -27.56
C ASN B 158 11.04 4.98 -26.80
N GLY B 159 10.95 6.31 -26.76
CA GLY B 159 9.88 6.94 -26.01
C GLY B 159 8.52 6.65 -26.63
N PHE B 160 8.44 6.65 -27.95
CA PHE B 160 7.20 6.29 -28.64
C PHE B 160 6.79 4.85 -28.31
N LEU B 161 7.73 3.90 -28.43
CA LEU B 161 7.39 2.52 -28.08
C LEU B 161 6.98 2.39 -26.62
N ASP B 162 7.64 3.09 -25.73
CA ASP B 162 7.29 3.06 -24.33
C ASP B 162 5.84 3.47 -24.06
N GLN B 163 5.37 4.50 -24.72
CA GLN B 163 4.01 4.96 -24.53
C GLN B 163 2.97 4.10 -25.22
N VAL B 164 3.34 3.54 -26.37
CA VAL B 164 2.48 2.68 -27.09
C VAL B 164 2.21 1.43 -26.27
N LEU B 165 3.23 0.90 -25.63
CA LEU B 165 3.09 -0.31 -24.81
C LEU B 165 2.32 -0.02 -23.53
N GLY B 166 2.73 0.99 -22.78
CA GLY B 166 2.02 1.33 -21.55
C GLY B 166 0.55 1.65 -21.80
N THR B 167 0.27 2.53 -22.76
CA THR B 167 -1.12 2.88 -23.00
C THR B 167 -1.89 1.67 -23.50
N GLY B 168 -1.28 0.88 -24.42
CA GLY B 168 -1.92 -0.34 -24.86
C GLY B 168 -2.28 -1.26 -23.71
N MET B 169 -1.39 -1.37 -22.72
CA MET B 169 -1.70 -2.23 -21.59
C MET B 169 -2.83 -1.63 -20.75
N LEU B 170 -2.80 -0.33 -20.53
CA LEU B 170 -3.87 0.30 -19.76
C LEU B 170 -5.22 0.06 -20.43
N ILE B 171 -5.24 0.18 -21.76
CA ILE B 171 -6.49 0.14 -22.50
C ILE B 171 -7.06 -1.28 -22.52
N VAL B 172 -6.20 -2.29 -22.74
CA VAL B 172 -6.64 -3.67 -22.66
C VAL B 172 -7.22 -3.93 -21.28
N GLY B 173 -6.57 -3.42 -20.24
CA GLY B 173 -7.08 -3.59 -18.89
C GLY B 173 -8.45 -2.95 -18.72
N LEU B 174 -8.64 -1.72 -19.23
CA LEU B 174 -9.92 -1.05 -19.08
C LEU B 174 -11.00 -1.74 -19.89
N LEU B 175 -10.66 -2.19 -21.11
CA LEU B 175 -11.64 -2.92 -21.90
C LEU B 175 -12.10 -4.18 -21.18
N ALA B 176 -11.16 -4.93 -20.59
CA ALA B 176 -11.51 -6.21 -19.96
C ALA B 176 -12.41 -5.98 -18.75
N ILE B 177 -12.11 -4.94 -17.97
CA ILE B 177 -12.95 -4.58 -16.83
C ILE B 177 -14.34 -4.16 -17.29
N LEU B 178 -14.42 -3.37 -18.38
CA LEU B 178 -15.70 -2.85 -18.85
C LEU B 178 -16.56 -3.93 -19.51
N ASP B 179 -15.93 -4.96 -20.08
CA ASP B 179 -16.61 -5.92 -20.93
C ASP B 179 -17.40 -6.88 -20.05
N ARG B 180 -18.74 -6.79 -20.11
CA ARG B 180 -19.58 -7.56 -19.21
C ARG B 180 -19.61 -9.05 -19.53
N ARG B 181 -18.99 -9.49 -20.64
CA ARG B 181 -18.79 -10.92 -20.87
C ARG B 181 -17.69 -11.50 -19.99
N ASN B 182 -16.85 -10.67 -19.37
CA ASN B 182 -15.91 -11.20 -18.41
C ASN B 182 -16.60 -11.23 -17.05
N LYS B 183 -16.08 -12.10 -16.16
CA LYS B 183 -16.72 -12.30 -14.87
C LYS B 183 -16.61 -11.06 -13.99
N GLY B 184 -15.58 -10.25 -14.20
CA GLY B 184 -15.55 -8.96 -13.55
C GLY B 184 -14.85 -8.96 -12.21
N VAL B 185 -14.78 -7.75 -11.67
CA VAL B 185 -14.14 -7.44 -10.41
C VAL B 185 -15.31 -6.95 -9.56
N PRO B 186 -15.30 -7.08 -8.23
CA PRO B 186 -16.52 -6.76 -7.49
C PRO B 186 -16.97 -5.33 -7.79
N ALA B 187 -18.30 -5.15 -7.78
CA ALA B 187 -18.90 -3.89 -8.16
C ALA B 187 -18.47 -2.82 -7.16
N GLY B 188 -18.02 -1.67 -7.68
CA GLY B 188 -17.55 -0.59 -6.82
C GLY B 188 -16.11 -0.72 -6.38
N LEU B 189 -15.40 -1.76 -6.82
CA LEU B 189 -13.94 -1.83 -6.68
C LEU B 189 -13.19 -1.73 -8.01
N GLU B 190 -13.90 -1.62 -9.14
CA GLU B 190 -13.21 -1.40 -10.41
C GLU B 190 -12.18 -0.30 -10.33
N PRO B 191 -12.49 0.88 -9.75
CA PRO B 191 -11.51 1.98 -9.75
C PRO B 191 -10.24 1.64 -8.98
N VAL B 192 -10.37 0.89 -7.86
CA VAL B 192 -9.21 0.49 -7.07
C VAL B 192 -8.30 -0.43 -7.88
N VAL B 193 -8.89 -1.33 -8.66
CA VAL B 193 -8.06 -2.25 -9.43
C VAL B 193 -7.36 -1.52 -10.59
N VAL B 194 -8.04 -0.54 -11.20
CA VAL B 194 -7.38 0.30 -12.21
C VAL B 194 -6.19 1.02 -11.60
N GLY B 195 -6.37 1.61 -10.41
CA GLY B 195 -5.26 2.26 -9.73
C GLY B 195 -4.07 1.33 -9.51
N MET B 196 -4.32 0.04 -9.20
CA MET B 196 -3.22 -0.93 -9.03
C MET B 196 -2.47 -1.16 -10.35
N LEU B 197 -3.19 -1.15 -11.48
CA LEU B 197 -2.54 -1.24 -12.79
C LEU B 197 -1.67 -0.01 -13.06
N ILE B 198 -2.18 1.19 -12.72
CA ILE B 198 -1.42 2.42 -12.94
C ILE B 198 -0.18 2.40 -12.06
N LEU B 199 -0.31 1.90 -10.83
CA LEU B 199 0.87 1.78 -9.97
C LEU B 199 1.85 0.79 -10.58
N ALA B 200 1.34 -0.31 -11.13
CA ALA B 200 2.25 -1.30 -11.69
C ALA B 200 2.95 -0.73 -12.91
N LEU B 201 2.21 -0.02 -13.75
CA LEU B 201 2.82 0.60 -14.92
C LEU B 201 3.85 1.65 -14.52
N GLY B 202 3.57 2.42 -13.46
CA GLY B 202 4.52 3.45 -13.05
C GLY B 202 5.83 2.89 -12.50
N LEU B 203 5.76 1.75 -11.80
CA LEU B 203 6.95 1.16 -11.19
C LEU B 203 7.76 0.31 -12.16
N SER B 204 7.14 -0.20 -13.23
CA SER B 204 7.81 -1.09 -14.17
C SER B 204 8.19 -0.41 -15.47
N MET B 205 7.43 0.61 -15.88
CA MET B 205 7.74 1.34 -17.10
C MET B 205 7.44 2.83 -16.94
N GLY B 206 7.78 3.41 -15.79
CA GLY B 206 7.65 4.85 -15.60
C GLY B 206 8.95 5.62 -15.79
N ALA B 207 10.08 4.91 -15.84
CA ALA B 207 11.40 5.57 -15.84
C ALA B 207 11.72 6.31 -17.15
N ASN B 208 11.22 5.82 -18.25
CA ASN B 208 11.53 6.43 -19.52
C ASN B 208 11.00 7.83 -19.70
N CYS B 209 9.73 8.05 -19.41
CA CYS B 209 9.18 9.38 -19.57
C CYS B 209 7.99 9.64 -18.70
N GLY B 210 7.93 8.96 -17.60
CA GLY B 210 6.83 9.09 -16.71
C GLY B 210 5.87 8.20 -17.44
N ILE B 211 4.64 8.22 -17.07
CA ILE B 211 3.71 7.39 -17.78
C ILE B 211 2.59 8.32 -18.03
N PRO B 212 2.78 9.19 -19.09
CA PRO B 212 1.63 10.07 -19.34
C PRO B 212 0.39 9.20 -19.62
N LEU B 213 0.46 8.27 -20.57
CA LEU B 213 -0.67 7.38 -20.82
C LEU B 213 -1.93 8.10 -21.33
N ASN B 214 -1.88 9.44 -21.44
CA ASN B 214 -3.10 10.25 -21.56
C ASN B 214 -2.75 11.55 -22.31
N PRO B 215 -3.14 11.70 -23.58
CA PRO B 215 -2.76 12.93 -24.31
C PRO B 215 -3.21 14.23 -23.65
N ALA B 216 -4.39 14.24 -23.02
CA ALA B 216 -4.87 15.49 -22.43
C ALA B 216 -4.11 15.81 -21.15
N ARG B 217 -3.75 14.79 -20.38
CA ARG B 217 -2.96 15.00 -19.18
C ARG B 217 -1.57 15.56 -19.50
N ASP B 218 -1.12 15.41 -20.74
CA ASP B 218 0.17 15.96 -21.07
C ASP B 218 0.07 17.27 -21.85
N LEU B 219 -0.73 17.31 -22.91
CA LEU B 219 -0.74 18.50 -23.76
C LEU B 219 -1.45 19.67 -23.08
N GLY B 220 -2.56 19.41 -22.40
CA GLY B 220 -3.26 20.46 -21.68
C GLY B 220 -2.32 21.26 -20.80
N PRO B 221 -1.61 20.59 -19.90
CA PRO B 221 -0.71 21.31 -19.01
C PRO B 221 0.51 21.88 -19.71
N ARG B 222 0.97 21.25 -20.80
CA ARG B 222 2.09 21.85 -21.51
C ARG B 222 1.68 23.19 -22.13
N LEU B 223 0.47 23.25 -22.69
CA LEU B 223 -0.06 24.53 -23.16
C LEU B 223 -0.15 25.52 -22.03
N PHE B 224 -0.56 25.08 -20.84
CA PHE B 224 -0.62 26.04 -19.74
C PHE B 224 0.76 26.61 -19.45
N THR B 225 1.79 25.75 -19.30
CA THR B 225 3.11 26.27 -19.00
C THR B 225 3.67 27.11 -20.14
N TYR B 226 3.26 26.84 -21.38
CA TYR B 226 3.66 27.69 -22.49
C TYR B 226 3.21 29.13 -22.26
N VAL B 227 1.96 29.34 -21.83
CA VAL B 227 1.47 30.72 -21.69
C VAL B 227 1.63 31.27 -20.28
N ALA B 228 1.85 30.42 -19.27
CA ALA B 228 1.88 30.92 -17.91
C ALA B 228 3.29 31.23 -17.40
N GLY B 229 4.30 31.20 -18.28
CA GLY B 229 5.60 31.67 -17.85
C GLY B 229 6.81 30.86 -18.25
N TRP B 230 6.62 29.65 -18.83
CA TRP B 230 7.80 28.84 -19.14
C TRP B 230 8.26 29.01 -20.59
N GLY B 231 7.36 29.37 -21.49
CA GLY B 231 7.77 29.74 -22.82
C GLY B 231 7.89 28.56 -23.76
N PRO B 232 8.39 28.85 -24.97
CA PRO B 232 8.36 27.84 -26.05
C PRO B 232 9.27 26.65 -25.82
N GLU B 233 10.18 26.72 -24.85
CA GLU B 233 11.02 25.57 -24.55
C GLU B 233 10.19 24.31 -24.27
N VAL B 234 9.00 24.47 -23.68
CA VAL B 234 8.22 23.30 -23.33
C VAL B 234 7.90 22.49 -24.58
N PHE B 235 8.00 23.10 -25.77
CA PHE B 235 7.78 22.38 -27.02
C PHE B 235 9.05 21.95 -27.74
N SER B 236 10.19 22.59 -27.47
CA SER B 236 11.40 22.13 -28.13
C SER B 236 12.23 21.20 -27.25
N ALA B 237 12.05 21.24 -25.93
CA ALA B 237 12.81 20.36 -25.04
C ALA B 237 12.60 18.89 -25.43
N GLY B 238 13.58 18.06 -25.09
CA GLY B 238 13.53 16.63 -25.37
C GLY B 238 13.50 16.29 -26.85
N ASN B 239 14.20 17.05 -27.68
CA ASN B 239 14.12 16.89 -29.13
C ASN B 239 12.68 17.02 -29.63
N GLY B 240 11.98 18.05 -29.17
CA GLY B 240 10.62 18.24 -29.61
C GLY B 240 9.74 17.13 -29.10
N TRP B 241 9.83 16.87 -27.81
CA TRP B 241 9.21 15.70 -27.20
C TRP B 241 7.69 15.77 -27.28
N TRP B 242 7.14 16.99 -27.30
CA TRP B 242 5.73 17.23 -26.91
C TRP B 242 4.76 16.37 -27.70
N TRP B 243 5.02 16.07 -28.97
CA TRP B 243 4.01 15.32 -29.73
C TRP B 243 3.95 13.83 -29.37
N VAL B 244 4.98 13.28 -28.71
CA VAL B 244 5.02 11.84 -28.41
C VAL B 244 3.92 11.48 -27.41
N PRO B 245 3.77 12.17 -26.27
CA PRO B 245 2.65 11.86 -25.37
C PRO B 245 1.30 12.14 -25.98
N VAL B 246 1.24 12.77 -27.16
CA VAL B 246 -0.02 12.98 -27.83
C VAL B 246 -0.32 11.81 -28.77
N VAL B 247 0.62 11.53 -29.69
CA VAL B 247 0.39 10.50 -30.70
C VAL B 247 0.59 9.07 -30.14
N ALA B 248 1.62 8.86 -29.31
CA ALA B 248 1.91 7.48 -28.91
C ALA B 248 0.78 6.85 -28.12
N PRO B 249 0.14 7.52 -27.15
CA PRO B 249 -1.00 6.88 -26.47
C PRO B 249 -2.18 6.57 -27.40
N LEU B 250 -2.40 7.41 -28.42
CA LEU B 250 -3.45 7.14 -29.38
C LEU B 250 -3.16 5.89 -30.19
N VAL B 251 -1.92 5.73 -30.65
CA VAL B 251 -1.53 4.50 -31.33
C VAL B 251 -1.66 3.31 -30.37
N GLY B 252 -1.29 3.50 -29.11
CA GLY B 252 -1.44 2.42 -28.12
C GLY B 252 -2.89 2.05 -27.87
N ALA B 253 -3.77 3.05 -27.83
CA ALA B 253 -5.21 2.76 -27.68
C ALA B 253 -5.70 1.93 -28.86
N THR B 254 -5.32 2.32 -30.07
CA THR B 254 -5.70 1.61 -31.27
C THR B 254 -5.15 0.19 -31.29
N VAL B 255 -3.88 0.03 -30.93
CA VAL B 255 -3.27 -1.30 -31.00
C VAL B 255 -3.81 -2.18 -29.87
N GLY B 256 -3.97 -1.62 -28.67
CA GLY B 256 -4.54 -2.39 -27.58
C GLY B 256 -5.97 -2.83 -27.87
N THR B 257 -6.79 -1.91 -28.42
CA THR B 257 -8.18 -2.22 -28.73
C THR B 257 -8.27 -3.31 -29.79
N ALA B 258 -7.50 -3.17 -30.86
CA ALA B 258 -7.51 -4.19 -31.90
C ALA B 258 -7.07 -5.54 -31.34
N THR B 259 -6.15 -5.53 -30.37
CA THR B 259 -5.70 -6.77 -29.74
C THR B 259 -6.76 -7.35 -28.82
N TYR B 260 -7.38 -6.52 -27.96
CA TYR B 260 -8.47 -7.05 -27.15
C TYR B 260 -9.58 -7.64 -28.03
N GLN B 261 -9.92 -6.98 -29.14
CA GLN B 261 -11.01 -7.48 -29.98
C GLN B 261 -10.62 -8.75 -30.73
N LEU B 262 -9.38 -8.85 -31.20
CA LEU B 262 -8.94 -10.11 -31.79
C LEU B 262 -9.01 -11.23 -30.75
N LEU B 263 -8.46 -10.99 -29.58
CA LEU B 263 -8.53 -11.95 -28.52
C LEU B 263 -9.90 -11.55 -28.15
N VAL B 264 -10.81 -12.50 -28.05
CA VAL B 264 -12.22 -12.31 -27.75
C VAL B 264 -12.79 -13.01 -28.94
N ALA B 265 -12.61 -12.44 -30.11
CA ALA B 265 -13.09 -13.05 -31.32
C ALA B 265 -12.52 -14.46 -31.38
N LEU B 266 -11.29 -14.62 -30.97
CA LEU B 266 -10.68 -15.92 -30.99
C LEU B 266 -11.36 -16.94 -30.10
N HIS B 267 -12.12 -16.47 -29.13
CA HIS B 267 -12.79 -17.35 -28.20
C HIS B 267 -14.27 -17.42 -28.50
N HIS B 268 -14.66 -16.99 -29.68
CA HIS B 268 -16.04 -17.05 -30.07
C HIS B 268 -16.12 -17.86 -31.33
N PRO B 269 -17.38 -18.02 -31.87
CA PRO B 269 -17.43 -18.82 -33.11
C PRO B 269 -17.15 -17.99 -34.35
N ILE C 16 -27.76 4.95 28.15
CA ILE C 16 -27.90 6.36 27.80
C ILE C 16 -29.18 6.58 27.02
N ARG C 17 -30.21 7.16 27.64
CA ARG C 17 -31.44 7.37 26.89
C ARG C 17 -31.39 8.62 26.02
N SER C 18 -30.45 9.54 26.28
CA SER C 18 -30.39 10.81 25.57
C SER C 18 -29.76 10.66 24.19
N LEU C 19 -30.51 11.05 23.15
CA LEU C 19 -29.99 10.97 21.79
C LEU C 19 -28.76 11.86 21.61
N LEU C 20 -28.83 13.07 22.14
CA LEU C 20 -27.69 13.97 22.06
C LEU C 20 -26.49 13.40 22.81
N ALA C 21 -26.73 12.79 23.98
CA ALA C 21 -25.67 12.09 24.70
C ALA C 21 -24.96 11.06 23.82
N ARG C 22 -25.71 10.17 23.17
CA ARG C 22 -25.07 9.14 22.37
C ARG C 22 -24.32 9.75 21.19
N GLN C 23 -24.86 10.83 20.61
CA GLN C 23 -24.19 11.48 19.50
C GLN C 23 -22.89 12.12 19.94
N CYS C 24 -22.89 12.74 21.12
CA CYS C 24 -21.64 13.31 21.62
C CYS C 24 -20.62 12.23 21.91
N LEU C 25 -21.05 11.11 22.51
CA LEU C 25 -20.12 10.01 22.77
C LEU C 25 -19.46 9.54 21.48
N ALA C 26 -20.24 9.42 20.41
CA ALA C 26 -19.68 8.95 19.15
C ALA C 26 -18.61 9.92 18.65
N GLU C 27 -18.87 11.23 18.74
CA GLU C 27 -17.90 12.21 18.29
C GLU C 27 -16.61 12.14 19.12
N PHE C 28 -16.75 12.01 20.44
CA PHE C 28 -15.57 11.95 21.31
C PHE C 28 -14.71 10.74 20.95
N LEU C 29 -15.33 9.56 20.82
CA LEU C 29 -14.59 8.34 20.60
C LEU C 29 -13.92 8.37 19.23
N GLY C 30 -14.66 8.75 18.19
CA GLY C 30 -14.06 8.83 16.87
C GLY C 30 -12.88 9.80 16.79
N VAL C 31 -13.05 11.00 17.36
CA VAL C 31 -11.98 11.98 17.25
C VAL C 31 -10.78 11.55 18.06
N PHE C 32 -11.03 10.92 19.21
CA PHE C 32 -9.95 10.46 20.08
C PHE C 32 -9.06 9.46 19.35
N VAL C 33 -9.67 8.49 18.66
CA VAL C 33 -8.88 7.52 17.92
C VAL C 33 -8.16 8.20 16.75
N LEU C 34 -8.86 9.08 16.05
CA LEU C 34 -8.24 9.81 14.95
C LEU C 34 -6.96 10.48 15.42
N MET C 35 -7.02 11.16 16.56
CA MET C 35 -5.90 11.97 17.01
C MET C 35 -4.77 11.12 17.55
N LEU C 36 -5.08 10.10 18.37
CA LEU C 36 -4.02 9.22 18.87
C LEU C 36 -3.18 8.69 17.71
N LEU C 37 -3.86 8.15 16.69
CA LEU C 37 -3.14 7.53 15.58
C LEU C 37 -2.40 8.58 14.75
N THR C 38 -3.01 9.76 14.56
CA THR C 38 -2.43 10.81 13.72
C THR C 38 -1.18 11.39 14.38
N GLN C 39 -1.35 11.94 15.58
CA GLN C 39 -0.23 12.45 16.37
C GLN C 39 0.79 11.35 16.68
N GLY C 40 0.29 10.12 16.95
CA GLY C 40 1.20 9.04 17.29
C GLY C 40 2.27 8.86 16.24
N ALA C 41 1.87 8.91 14.96
CA ALA C 41 2.80 8.74 13.85
C ALA C 41 3.80 9.90 13.75
N VAL C 42 3.40 11.13 14.08
CA VAL C 42 4.36 12.23 14.08
C VAL C 42 5.36 12.06 15.23
N ALA C 43 4.89 11.69 16.43
CA ALA C 43 5.83 11.44 17.52
C ALA C 43 6.81 10.31 17.17
N GLN C 44 6.30 9.26 16.50
CA GLN C 44 7.16 8.13 16.15
C GLN C 44 8.25 8.58 15.21
N ALA C 45 7.90 9.46 14.26
CA ALA C 45 8.89 9.91 13.30
C ALA C 45 9.87 10.90 13.94
N VAL C 46 9.37 11.83 14.75
CA VAL C 46 10.21 12.88 15.29
C VAL C 46 11.12 12.34 16.38
N THR C 47 10.55 11.63 17.35
CA THR C 47 11.37 11.25 18.49
C THR C 47 12.31 10.08 18.20
N SER C 48 12.15 9.38 17.07
CA SER C 48 13.09 8.37 16.62
C SER C 48 14.17 8.94 15.71
N GLY C 49 14.19 10.26 15.51
CA GLY C 49 15.09 10.83 14.51
C GLY C 49 14.86 10.25 13.15
N GLU C 50 13.59 9.99 12.80
CA GLU C 50 13.18 9.43 11.52
C GLU C 50 13.75 8.03 11.25
N THR C 51 14.08 7.27 12.30
CA THR C 51 14.43 5.86 12.11
C THR C 51 13.22 4.93 12.26
N LYS C 52 12.10 5.44 12.73
CA LYS C 52 10.91 4.64 12.85
C LYS C 52 9.72 5.22 12.11
N GLY C 53 9.91 6.35 11.45
CA GLY C 53 8.89 7.01 10.65
C GLY C 53 9.51 8.17 9.89
N ASN C 54 8.76 8.70 8.92
CA ASN C 54 9.19 9.85 8.11
C ASN C 54 7.95 10.53 7.50
N PHE C 55 8.17 11.47 6.57
CA PHE C 55 7.03 12.20 5.99
C PHE C 55 5.99 11.24 5.40
N PHE C 56 6.43 10.18 4.72
CA PHE C 56 5.51 9.25 4.06
C PHE C 56 4.66 8.49 5.08
N THR C 57 5.33 7.86 6.04
CA THR C 57 4.71 7.28 7.22
C THR C 57 3.69 8.20 7.89
N MET C 58 4.03 9.47 8.10
CA MET C 58 3.06 10.38 8.72
C MET C 58 1.82 10.54 7.85
N PHE C 59 2.02 10.67 6.52
CA PHE C 59 0.86 10.81 5.64
C PHE C 59 0.05 9.52 5.61
N LEU C 60 0.73 8.37 5.45
CA LEU C 60 0.04 7.09 5.41
C LEU C 60 -0.71 6.81 6.71
N ALA C 61 -0.06 7.02 7.85
CA ALA C 61 -0.75 6.77 9.12
C ALA C 61 -1.88 7.77 9.32
N GLY C 62 -1.70 9.01 8.85
CA GLY C 62 -2.80 9.95 8.89
C GLY C 62 -3.98 9.44 8.10
N SER C 63 -3.74 8.85 6.94
CA SER C 63 -4.90 8.42 6.18
C SER C 63 -5.51 7.15 6.79
N LEU C 64 -4.67 6.29 7.39
CA LEU C 64 -5.21 5.11 8.08
C LEU C 64 -5.98 5.50 9.31
N ALA C 65 -5.51 6.53 10.03
CA ALA C 65 -6.22 6.99 11.22
C ALA C 65 -7.63 7.44 10.85
N VAL C 66 -7.79 8.06 9.70
CA VAL C 66 -9.10 8.58 9.35
C VAL C 66 -10.05 7.42 9.06
N THR C 67 -9.59 6.42 8.31
CA THR C 67 -10.52 5.33 8.03
C THR C 67 -10.84 4.55 9.31
N ILE C 68 -9.88 4.39 10.22
CA ILE C 68 -10.19 3.70 11.47
C ILE C 68 -11.15 4.54 12.30
N ALA C 69 -10.89 5.84 12.41
CA ALA C 69 -11.77 6.68 13.22
C ALA C 69 -13.16 6.76 12.61
N ILE C 70 -13.25 6.73 11.28
CA ILE C 70 -14.57 6.80 10.66
C ILE C 70 -15.36 5.52 10.93
N TYR C 71 -14.66 4.36 10.93
CA TYR C 71 -15.30 3.13 11.40
C TYR C 71 -15.76 3.29 12.84
N VAL C 72 -14.85 3.73 13.70
CA VAL C 72 -15.17 3.93 15.11
C VAL C 72 -16.46 4.74 15.24
N GLY C 73 -16.59 5.80 14.45
CA GLY C 73 -17.75 6.69 14.50
C GLY C 73 -19.02 6.10 13.93
N GLY C 74 -18.93 4.93 13.29
CA GLY C 74 -20.09 4.36 12.64
C GLY C 74 -20.22 4.67 11.16
N ASN C 75 -19.09 4.79 10.46
CA ASN C 75 -19.03 5.03 9.03
C ASN C 75 -19.39 6.49 8.70
N VAL C 76 -19.47 6.80 7.40
CA VAL C 76 -19.58 8.20 7.01
C VAL C 76 -20.92 8.79 7.45
N SER C 77 -21.97 7.97 7.57
CA SER C 77 -23.28 8.42 8.02
C SER C 77 -23.41 8.38 9.54
N GLY C 78 -22.31 8.18 10.26
CA GLY C 78 -22.32 8.24 11.70
C GLY C 78 -21.73 9.54 12.21
N ALA C 79 -20.74 9.48 13.09
CA ALA C 79 -20.15 10.69 13.65
C ALA C 79 -19.45 11.54 12.57
N HIS C 80 -19.37 12.84 12.83
CA HIS C 80 -18.80 13.78 11.87
C HIS C 80 -17.30 13.94 12.04
N LEU C 81 -16.82 14.05 13.28
CA LEU C 81 -15.39 13.98 13.59
C LEU C 81 -14.63 15.24 13.18
N ASN C 82 -15.32 16.29 12.77
CA ASN C 82 -14.67 17.38 12.05
C ASN C 82 -15.62 18.57 12.04
N PRO C 83 -15.27 19.68 12.72
CA PRO C 83 -16.13 20.88 12.65
C PRO C 83 -16.55 21.23 11.23
N ALA C 84 -15.63 21.07 10.27
CA ALA C 84 -15.94 21.39 8.88
C ALA C 84 -17.05 20.49 8.32
N PHE C 85 -17.03 19.20 8.66
CA PHE C 85 -18.05 18.30 8.13
C PHE C 85 -19.40 18.55 8.81
N SER C 86 -19.37 18.87 10.10
CA SER C 86 -20.60 19.20 10.79
C SER C 86 -21.24 20.49 10.22
N LEU C 87 -20.40 21.48 9.89
CA LEU C 87 -20.95 22.65 9.22
C LEU C 87 -21.63 22.25 7.92
N ALA C 88 -20.98 21.42 7.12
CA ALA C 88 -21.61 20.91 5.90
C ALA C 88 -22.95 20.24 6.20
N MET C 89 -23.02 19.45 7.29
CA MET C 89 -24.27 18.76 7.66
C MET C 89 -25.35 19.76 8.06
N CYS C 90 -24.97 20.84 8.74
CA CYS C 90 -25.95 21.88 9.05
C CYS C 90 -26.48 22.53 7.77
N ILE C 91 -25.57 22.85 6.84
CA ILE C 91 -25.96 23.52 5.61
C ILE C 91 -26.95 22.66 4.82
N VAL C 92 -26.80 21.34 4.84
CA VAL C 92 -27.73 20.53 4.08
C VAL C 92 -28.88 20.09 4.99
N GLY C 93 -28.95 20.66 6.19
CA GLY C 93 -30.06 20.41 7.09
C GLY C 93 -30.05 19.08 7.80
N ARG C 94 -29.01 18.28 7.62
CA ARG C 94 -28.93 16.96 8.24
C ARG C 94 -28.54 17.02 9.71
N LEU C 95 -28.17 18.20 10.22
CA LEU C 95 -27.85 18.38 11.61
C LEU C 95 -28.46 19.71 12.06
N PRO C 96 -29.19 19.74 13.17
CA PRO C 96 -29.74 21.04 13.62
C PRO C 96 -28.63 22.03 13.91
N TRP C 97 -28.84 23.29 13.48
CA TRP C 97 -27.86 24.35 13.71
C TRP C 97 -27.55 24.50 15.20
N VAL C 98 -28.55 24.31 16.06
CA VAL C 98 -28.32 24.55 17.48
C VAL C 98 -27.42 23.46 18.08
N LYS C 99 -27.30 22.31 17.41
CA LYS C 99 -26.39 21.28 17.84
C LYS C 99 -24.96 21.50 17.34
N LEU C 100 -24.76 22.45 16.42
CA LEU C 100 -23.43 22.64 15.87
C LEU C 100 -22.40 23.08 16.91
N PRO C 101 -22.67 24.07 17.77
CA PRO C 101 -21.66 24.41 18.79
C PRO C 101 -21.37 23.25 19.74
N ILE C 102 -22.36 22.39 19.99
CA ILE C 102 -22.12 21.24 20.87
C ILE C 102 -21.16 20.27 20.20
N TYR C 103 -21.47 19.84 18.97
CA TYR C 103 -20.56 18.93 18.28
C TYR C 103 -19.14 19.49 18.23
N ILE C 104 -19.00 20.74 17.81
CA ILE C 104 -17.67 21.32 17.66
C ILE C 104 -16.94 21.30 18.99
N LEU C 105 -17.66 21.61 20.07
CA LEU C 105 -17.01 21.63 21.38
C LEU C 105 -16.53 20.24 21.78
N VAL C 106 -17.30 19.20 21.49
CA VAL C 106 -16.91 17.85 21.86
C VAL C 106 -15.73 17.38 21.01
N GLN C 107 -15.80 17.61 19.70
CA GLN C 107 -14.64 17.35 18.83
C GLN C 107 -13.39 18.06 19.35
N LEU C 108 -13.54 19.33 19.71
CA LEU C 108 -12.41 20.11 20.24
C LEU C 108 -11.84 19.48 21.50
N LEU C 109 -12.72 19.06 22.42
CA LEU C 109 -12.25 18.54 23.70
C LEU C 109 -11.68 17.12 23.56
N SER C 110 -12.25 16.33 22.65
CA SER C 110 -11.67 15.02 22.36
C SER C 110 -10.23 15.16 21.86
N ALA C 111 -10.00 16.09 20.93
CA ALA C 111 -8.65 16.29 20.39
C ALA C 111 -7.68 16.76 21.47
N PHE C 112 -8.14 17.65 22.36
CA PHE C 112 -7.34 18.07 23.50
C PHE C 112 -6.99 16.88 24.41
N CYS C 113 -7.97 16.03 24.72
CA CYS C 113 -7.71 14.86 25.56
C CYS C 113 -6.80 13.86 24.85
N ALA C 114 -7.05 13.59 23.57
CA ALA C 114 -6.19 12.69 22.82
C ALA C 114 -4.74 13.17 22.83
N SER C 115 -4.51 14.49 22.79
CA SER C 115 -3.14 15.00 22.80
C SER C 115 -2.42 14.64 24.11
N GLY C 116 -3.12 14.71 25.24
CA GLY C 116 -2.55 14.23 26.48
C GLY C 116 -2.24 12.74 26.46
N ALA C 117 -3.13 11.93 25.87
CA ALA C 117 -2.81 10.51 25.73
C ALA C 117 -1.55 10.34 24.89
N THR C 118 -1.37 11.16 23.85
CA THR C 118 -0.17 11.09 23.05
C THR C 118 1.06 11.44 23.88
N TYR C 119 0.96 12.53 24.64
CA TYR C 119 2.07 12.96 25.48
C TYR C 119 2.49 11.86 26.46
N VAL C 120 1.52 11.12 27.02
CA VAL C 120 1.83 10.04 27.95
C VAL C 120 2.45 8.86 27.22
N LEU C 121 1.76 8.37 26.19
CA LEU C 121 2.29 7.28 25.37
C LEU C 121 3.75 7.52 24.97
N TYR C 122 4.09 8.76 24.62
CA TYR C 122 5.44 9.06 24.15
C TYR C 122 6.25 9.82 25.18
N HIS C 123 5.90 9.68 26.46
CA HIS C 123 6.59 10.48 27.47
C HIS C 123 8.09 10.24 27.45
N ASP C 124 8.51 8.98 27.58
CA ASP C 124 9.95 8.66 27.61
C ASP C 124 10.64 9.06 26.31
N ALA C 125 10.03 8.77 25.16
CA ALA C 125 10.61 9.21 23.89
C ALA C 125 10.72 10.73 23.83
N LEU C 126 9.77 11.46 24.40
CA LEU C 126 9.78 12.91 24.30
C LEU C 126 10.90 13.50 25.17
N GLN C 127 11.03 13.00 26.41
CA GLN C 127 12.13 13.43 27.26
C GLN C 127 13.47 13.11 26.61
N ASN C 128 13.61 11.93 26.03
CA ASN C 128 14.89 11.55 25.43
C ASN C 128 15.24 12.49 24.28
N TYR C 129 14.24 12.90 23.52
CA TYR C 129 14.50 13.65 22.30
C TYR C 129 14.75 15.13 22.60
N THR C 130 14.04 15.69 23.57
CA THR C 130 14.11 17.12 23.88
C THR C 130 15.01 17.42 25.06
N GLY C 131 15.33 16.41 25.86
CA GLY C 131 15.98 16.65 27.13
C GLY C 131 15.08 17.43 28.04
N GLY C 132 13.82 17.57 27.66
CA GLY C 132 12.86 18.27 28.47
C GLY C 132 12.60 19.71 28.08
N ASN C 133 13.31 20.23 27.07
CA ASN C 133 13.07 21.59 26.54
C ASN C 133 12.07 21.51 25.39
N LEU C 134 10.82 21.87 25.68
CA LEU C 134 9.74 21.84 24.71
C LEU C 134 9.73 23.16 23.93
N THR C 135 9.97 23.10 22.62
CA THR C 135 10.06 24.29 21.79
C THR C 135 9.12 24.18 20.60
N VAL C 136 8.84 25.33 19.98
CA VAL C 136 7.88 25.39 18.88
C VAL C 136 8.61 25.50 17.55
N THR C 137 9.76 26.15 17.56
CA THR C 137 10.58 26.33 16.37
C THR C 137 12.00 25.87 16.68
N GLY C 138 12.77 25.59 15.64
CA GLY C 138 14.14 25.20 15.82
C GLY C 138 14.38 23.70 15.68
N PRO C 139 15.64 23.30 15.81
CA PRO C 139 16.02 21.91 15.50
C PRO C 139 15.27 20.84 16.25
N LYS C 140 14.88 21.06 17.51
CA LYS C 140 14.28 19.97 18.29
C LYS C 140 12.83 20.26 18.67
N GLU C 141 12.14 21.10 17.89
CA GLU C 141 10.79 21.49 18.27
C GLU C 141 9.88 20.26 18.27
N THR C 142 9.01 20.19 19.26
CA THR C 142 8.06 19.10 19.35
C THR C 142 6.61 19.56 19.23
N ALA C 143 6.36 20.87 19.13
CA ALA C 143 5.01 21.38 19.03
C ALA C 143 4.23 20.73 17.89
N SER C 144 4.89 20.45 16.75
CA SER C 144 4.19 19.97 15.57
C SER C 144 3.83 18.49 15.63
N ILE C 145 4.22 17.78 16.69
CA ILE C 145 3.64 16.47 16.92
C ILE C 145 2.12 16.58 17.10
N PHE C 146 1.68 17.64 17.76
CA PHE C 146 0.31 17.79 18.22
C PHE C 146 -0.57 18.62 17.27
N ALA C 147 -0.07 19.75 16.78
CA ALA C 147 -0.79 20.61 15.85
C ALA C 147 0.09 20.90 14.65
N THR C 148 -0.47 21.58 13.64
CA THR C 148 0.21 21.81 12.36
C THR C 148 0.88 23.18 12.34
N TYR C 149 1.97 23.26 11.56
CA TYR C 149 2.72 24.48 11.35
C TYR C 149 3.06 24.59 9.86
N PRO C 150 3.05 25.81 9.30
CA PRO C 150 3.22 25.97 7.85
C PRO C 150 4.69 25.83 7.43
N ALA C 151 4.89 25.37 6.20
CA ALA C 151 6.22 25.45 5.63
C ALA C 151 6.76 26.87 5.78
N PRO C 152 8.05 27.05 6.05
CA PRO C 152 8.58 28.41 6.24
C PRO C 152 8.34 29.38 5.07
N TYR C 153 8.21 28.91 3.83
CA TYR C 153 8.04 29.82 2.70
C TYR C 153 6.60 30.29 2.49
N LEU C 154 5.64 29.75 3.24
CA LEU C 154 4.22 29.89 2.92
C LEU C 154 3.62 31.15 3.54
N SER C 155 2.95 31.96 2.72
CA SER C 155 2.17 33.06 3.25
C SER C 155 0.88 32.56 3.89
N LEU C 156 0.28 33.41 4.71
CA LEU C 156 -1.05 33.12 5.24
C LEU C 156 -2.06 32.94 4.12
N ASN C 157 -2.02 33.80 3.10
CA ASN C 157 -3.00 33.74 2.02
C ASN C 157 -2.90 32.39 1.30
N ASN C 158 -1.67 31.98 0.94
CA ASN C 158 -1.47 30.70 0.25
C ASN C 158 -1.87 29.52 1.14
N GLY C 159 -1.56 29.58 2.43
CA GLY C 159 -2.01 28.52 3.33
C GLY C 159 -3.53 28.47 3.47
N PHE C 160 -4.18 29.65 3.47
CA PHE C 160 -5.64 29.70 3.54
C PHE C 160 -6.25 29.05 2.31
N LEU C 161 -5.72 29.37 1.12
CA LEU C 161 -6.20 28.76 -0.11
C LEU C 161 -5.97 27.26 -0.08
N ASP C 162 -4.79 26.83 0.38
CA ASP C 162 -4.44 25.42 0.44
C ASP C 162 -5.45 24.64 1.26
N GLN C 163 -5.90 25.21 2.39
CA GLN C 163 -6.83 24.49 3.25
C GLN C 163 -8.28 24.65 2.79
N VAL C 164 -8.62 25.74 2.08
CA VAL C 164 -9.96 25.82 1.47
C VAL C 164 -10.09 24.73 0.40
N LEU C 165 -9.09 24.60 -0.47
CA LEU C 165 -9.19 23.63 -1.56
C LEU C 165 -9.15 22.19 -1.03
N GLY C 166 -8.16 21.86 -0.19
CA GLY C 166 -8.10 20.53 0.36
C GLY C 166 -9.37 20.12 1.09
N THR C 167 -9.90 21.01 1.94
CA THR C 167 -11.11 20.67 2.69
C THR C 167 -12.32 20.64 1.77
N GLY C 168 -12.43 21.61 0.86
CA GLY C 168 -13.53 21.56 -0.09
C GLY C 168 -13.58 20.25 -0.86
N MET C 169 -12.42 19.76 -1.30
CA MET C 169 -12.40 18.47 -1.99
C MET C 169 -12.81 17.31 -1.07
N LEU C 170 -12.30 17.31 0.17
CA LEU C 170 -12.70 16.28 1.12
C LEU C 170 -14.20 16.28 1.31
N ILE C 171 -14.77 17.48 1.50
CA ILE C 171 -16.19 17.60 1.81
C ILE C 171 -17.03 17.14 0.63
N VAL C 172 -16.59 17.46 -0.59
CA VAL C 172 -17.35 17.02 -1.76
C VAL C 172 -17.31 15.50 -1.85
N GLY C 173 -16.14 14.89 -1.62
CA GLY C 173 -16.07 13.45 -1.61
C GLY C 173 -17.00 12.84 -0.56
N LEU C 174 -17.01 13.43 0.64
CA LEU C 174 -17.81 12.87 1.74
C LEU C 174 -19.30 13.02 1.45
N LEU C 175 -19.72 14.18 0.95
CA LEU C 175 -21.12 14.33 0.59
C LEU C 175 -21.49 13.33 -0.50
N ALA C 176 -20.61 13.14 -1.47
CA ALA C 176 -20.93 12.26 -2.57
C ALA C 176 -21.11 10.82 -2.07
N ILE C 177 -20.32 10.43 -1.07
CA ILE C 177 -20.43 9.08 -0.49
C ILE C 177 -21.67 8.97 0.39
N LEU C 178 -21.95 9.99 1.22
CA LEU C 178 -23.19 10.00 1.99
C LEU C 178 -24.41 9.93 1.08
N ASP C 179 -24.34 10.58 -0.09
CA ASP C 179 -25.54 10.69 -0.92
C ASP C 179 -25.97 9.30 -1.40
N ARG C 180 -27.02 8.75 -0.78
CA ARG C 180 -27.44 7.40 -1.10
C ARG C 180 -27.86 7.25 -2.56
N ARG C 181 -28.00 8.35 -3.31
CA ARG C 181 -28.33 8.26 -4.72
C ARG C 181 -27.11 7.93 -5.59
N ASN C 182 -25.89 8.02 -5.06
CA ASN C 182 -24.69 7.76 -5.85
C ASN C 182 -24.30 6.29 -5.75
N LYS C 183 -24.07 5.65 -6.90
CA LYS C 183 -23.30 4.42 -6.92
C LYS C 183 -21.83 4.76 -6.71
N GLY C 184 -21.28 4.36 -5.58
CA GLY C 184 -19.92 4.72 -5.28
C GLY C 184 -19.12 3.54 -4.81
N VAL C 185 -18.88 3.49 -3.51
CA VAL C 185 -18.07 2.46 -2.86
C VAL C 185 -18.96 1.35 -2.33
N PRO C 186 -18.50 0.10 -2.31
CA PRO C 186 -19.28 -0.98 -1.69
C PRO C 186 -19.56 -0.69 -0.22
N ALA C 187 -20.78 -1.02 0.21
CA ALA C 187 -21.12 -0.92 1.62
C ALA C 187 -20.05 -1.63 2.45
N GLY C 188 -19.66 -1.00 3.56
CA GLY C 188 -18.61 -1.53 4.41
C GLY C 188 -17.21 -1.08 4.07
N LEU C 189 -16.98 -0.47 2.92
CA LEU C 189 -15.64 0.00 2.58
C LEU C 189 -15.54 1.51 2.38
N GLU C 190 -16.62 2.26 2.65
CA GLU C 190 -16.59 3.72 2.49
C GLU C 190 -15.44 4.35 3.27
N PRO C 191 -15.15 3.95 4.52
CA PRO C 191 -14.03 4.57 5.23
C PRO C 191 -12.68 4.26 4.61
N VAL C 192 -12.56 3.13 3.91
CA VAL C 192 -11.32 2.79 3.23
C VAL C 192 -11.09 3.72 2.05
N VAL C 193 -12.15 4.00 1.28
CA VAL C 193 -11.97 4.92 0.15
C VAL C 193 -11.74 6.34 0.64
N VAL C 194 -12.40 6.75 1.74
CA VAL C 194 -12.07 8.06 2.30
C VAL C 194 -10.60 8.12 2.69
N GLY C 195 -10.07 7.01 3.25
CA GLY C 195 -8.65 6.97 3.62
C GLY C 195 -7.72 7.04 2.42
N MET C 196 -8.08 6.38 1.32
CA MET C 196 -7.39 6.64 0.07
C MET C 196 -7.40 8.12 -0.30
N LEU C 197 -8.55 8.80 -0.13
CA LEU C 197 -8.63 10.23 -0.43
C LEU C 197 -7.65 11.04 0.43
N ILE C 198 -7.59 10.73 1.73
CA ILE C 198 -6.72 11.46 2.65
C ILE C 198 -5.24 11.21 2.29
N LEU C 199 -4.93 10.01 1.80
CA LEU C 199 -3.54 9.75 1.39
C LEU C 199 -3.20 10.55 0.13
N ALA C 200 -4.10 10.54 -0.86
CA ALA C 200 -3.88 11.31 -2.07
C ALA C 200 -3.69 12.80 -1.74
N LEU C 201 -4.55 13.34 -0.88
CA LEU C 201 -4.43 14.74 -0.45
C LEU C 201 -3.11 14.98 0.30
N GLY C 202 -2.66 14.00 1.09
CA GLY C 202 -1.43 14.20 1.85
C GLY C 202 -0.20 14.22 0.96
N LEU C 203 -0.19 13.37 -0.07
CA LEU C 203 0.93 13.29 -0.99
C LEU C 203 0.90 14.39 -2.07
N SER C 204 -0.26 14.97 -2.38
CA SER C 204 -0.34 15.99 -3.43
C SER C 204 -0.51 17.40 -2.90
N MET C 205 -1.00 17.53 -1.67
CA MET C 205 -1.36 18.83 -1.11
C MET C 205 -1.02 18.88 0.37
N GLY C 206 -0.07 18.07 0.83
CA GLY C 206 0.31 18.11 2.24
C GLY C 206 1.57 18.92 2.54
N ALA C 207 2.29 19.33 1.49
CA ALA C 207 3.59 19.98 1.67
C ALA C 207 3.46 21.38 2.30
N ASN C 208 2.42 22.15 1.95
CA ASN C 208 2.35 23.52 2.44
C ASN C 208 2.16 23.58 3.94
N CYS C 209 1.22 22.78 4.48
CA CYS C 209 0.98 22.89 5.91
C CYS C 209 0.43 21.61 6.52
N GLY C 210 0.86 20.45 5.99
CA GLY C 210 0.15 19.22 6.28
C GLY C 210 -1.22 19.40 5.65
N ILE C 211 -2.11 18.51 6.03
CA ILE C 211 -3.48 18.62 5.55
C ILE C 211 -4.33 18.53 6.81
N PRO C 212 -4.32 19.54 7.68
CA PRO C 212 -5.13 19.43 8.90
C PRO C 212 -6.58 19.21 8.57
N LEU C 213 -7.11 19.98 7.61
CA LEU C 213 -8.48 19.85 7.10
C LEU C 213 -9.56 19.83 8.17
N ASN C 214 -9.24 20.21 9.39
CA ASN C 214 -10.16 19.85 10.45
C ASN C 214 -9.91 20.77 11.63
N PRO C 215 -10.75 21.77 11.86
CA PRO C 215 -10.38 22.77 12.88
C PRO C 215 -10.12 22.15 14.23
N ALA C 216 -10.82 21.06 14.59
CA ALA C 216 -10.67 20.50 15.92
C ALA C 216 -9.36 19.75 16.04
N ARG C 217 -9.02 19.00 14.99
CA ARG C 217 -7.73 18.31 14.90
C ARG C 217 -6.57 19.28 15.09
N ASP C 218 -6.75 20.56 14.76
CA ASP C 218 -5.67 21.53 14.89
C ASP C 218 -5.75 22.37 16.17
N LEU C 219 -6.88 23.03 16.41
CA LEU C 219 -7.00 23.90 17.59
C LEU C 219 -6.86 23.11 18.89
N GLY C 220 -7.56 21.98 19.01
CA GLY C 220 -7.60 21.28 20.27
C GLY C 220 -6.21 20.89 20.76
N PRO C 221 -5.43 20.24 19.88
CA PRO C 221 -4.03 19.97 20.20
C PRO C 221 -3.20 21.22 20.44
N ARG C 222 -3.45 22.30 19.68
CA ARG C 222 -2.68 23.52 19.91
C ARG C 222 -2.94 24.05 21.31
N LEU C 223 -4.21 24.06 21.74
CA LEU C 223 -4.52 24.47 23.10
C LEU C 223 -3.84 23.55 24.13
N PHE C 224 -3.73 22.25 23.82
CA PHE C 224 -3.00 21.35 24.72
C PHE C 224 -1.56 21.80 24.89
N THR C 225 -0.82 21.96 23.78
CA THR C 225 0.60 22.32 23.88
C THR C 225 0.76 23.68 24.52
N TYR C 226 -0.21 24.56 24.32
CA TYR C 226 -0.18 25.87 24.97
C TYR C 226 -0.12 25.72 26.50
N VAL C 227 -0.98 24.89 27.07
CA VAL C 227 -1.00 24.73 28.53
C VAL C 227 -0.08 23.61 29.04
N ALA C 228 0.38 22.72 28.17
CA ALA C 228 1.13 21.54 28.57
C ALA C 228 2.62 21.75 28.52
N GLY C 229 3.09 22.98 28.38
CA GLY C 229 4.51 23.27 28.48
C GLY C 229 5.14 23.90 27.26
N TRP C 230 4.47 24.06 26.14
CA TRP C 230 5.11 24.68 24.99
C TRP C 230 4.95 26.21 24.96
N GLY C 231 3.91 26.76 25.56
CA GLY C 231 3.77 28.20 25.69
C GLY C 231 3.04 28.94 24.58
N PRO C 232 3.02 30.28 24.68
CA PRO C 232 2.25 31.10 23.73
C PRO C 232 2.78 31.06 22.32
N GLU C 233 4.00 30.54 22.12
CA GLU C 233 4.58 30.57 20.79
C GLU C 233 3.85 29.64 19.84
N VAL C 234 3.04 28.71 20.34
CA VAL C 234 2.24 27.89 19.44
C VAL C 234 1.18 28.73 18.75
N PHE C 235 0.84 29.90 19.31
CA PHE C 235 -0.13 30.82 18.73
C PHE C 235 0.50 31.94 17.89
N SER C 236 1.77 32.24 18.10
CA SER C 236 2.46 33.27 17.33
C SER C 236 3.33 32.69 16.22
N ALA C 237 3.71 31.42 16.29
CA ALA C 237 4.53 30.83 15.23
C ALA C 237 3.80 30.90 13.90
N GLY C 238 4.57 30.92 12.82
CA GLY C 238 3.97 30.96 11.49
C GLY C 238 3.15 32.22 11.25
N ASN C 239 3.63 33.38 11.73
CA ASN C 239 2.95 34.66 11.59
C ASN C 239 1.50 34.58 12.06
N GLY C 240 1.30 33.99 13.23
CA GLY C 240 -0.04 33.82 13.75
C GLY C 240 -0.87 32.77 13.03
N TRP C 241 -0.23 31.68 12.63
CA TRP C 241 -0.83 30.70 11.75
C TRP C 241 -2.07 30.03 12.33
N TRP C 242 -2.21 30.03 13.66
CA TRP C 242 -3.20 29.18 14.35
C TRP C 242 -4.63 29.31 13.80
N TRP C 243 -5.04 30.48 13.31
CA TRP C 243 -6.43 30.65 12.89
C TRP C 243 -6.71 30.15 11.47
N VAL C 244 -5.68 30.01 10.63
CA VAL C 244 -5.90 29.54 9.27
C VAL C 244 -6.49 28.14 9.24
N PRO C 245 -5.94 27.15 9.97
CA PRO C 245 -6.58 25.82 9.99
C PRO C 245 -7.85 25.79 10.79
N VAL C 246 -8.19 26.88 11.48
CA VAL C 246 -9.53 26.99 12.04
C VAL C 246 -10.52 27.54 11.02
N VAL C 247 -10.20 28.66 10.37
CA VAL C 247 -11.20 29.33 9.53
C VAL C 247 -11.29 28.67 8.16
N ALA C 248 -10.15 28.29 7.59
CA ALA C 248 -10.15 27.98 6.17
C ALA C 248 -10.88 26.67 5.87
N PRO C 249 -10.78 25.64 6.73
CA PRO C 249 -11.63 24.46 6.54
C PRO C 249 -13.11 24.76 6.62
N LEU C 250 -13.53 25.75 7.43
CA LEU C 250 -14.94 26.13 7.48
C LEU C 250 -15.39 26.77 6.17
N VAL C 251 -14.55 27.62 5.58
CA VAL C 251 -14.86 28.15 4.25
C VAL C 251 -14.83 27.04 3.20
N GLY C 252 -13.89 26.09 3.33
CA GLY C 252 -13.83 24.98 2.38
C GLY C 252 -15.08 24.11 2.44
N ALA C 253 -15.56 23.85 3.66
CA ALA C 253 -16.79 23.10 3.80
C ALA C 253 -17.97 23.85 3.15
N THR C 254 -18.07 25.17 3.38
CA THR C 254 -19.15 25.94 2.78
C THR C 254 -19.06 25.93 1.26
N VAL C 255 -17.89 26.27 0.72
CA VAL C 255 -17.70 26.22 -0.72
C VAL C 255 -17.94 24.80 -1.26
N GLY C 256 -17.35 23.80 -0.59
CA GLY C 256 -17.58 22.44 -1.02
C GLY C 256 -19.03 22.02 -1.01
N THR C 257 -19.78 22.43 0.00
CA THR C 257 -21.19 22.02 0.03
C THR C 257 -21.97 22.70 -1.09
N ALA C 258 -21.75 23.99 -1.32
CA ALA C 258 -22.42 24.65 -2.43
C ALA C 258 -22.06 23.98 -3.76
N THR C 259 -20.79 23.66 -3.94
CA THR C 259 -20.33 23.00 -5.14
C THR C 259 -21.02 21.65 -5.34
N TYR C 260 -21.04 20.81 -4.31
CA TYR C 260 -21.76 19.55 -4.38
C TYR C 260 -23.22 19.75 -4.77
N GLN C 261 -23.93 20.66 -4.06
CA GLN C 261 -25.33 20.97 -4.39
C GLN C 261 -25.48 21.49 -5.83
N LEU C 262 -24.58 22.36 -6.28
CA LEU C 262 -24.57 22.78 -7.68
C LEU C 262 -24.49 21.57 -8.61
N LEU C 263 -23.59 20.63 -8.31
CA LEU C 263 -23.35 19.52 -9.23
C LEU C 263 -24.54 18.56 -9.28
N VAL C 264 -25.13 18.27 -8.13
CA VAL C 264 -26.36 17.49 -8.09
C VAL C 264 -27.45 18.18 -8.91
N ALA C 265 -27.63 19.49 -8.68
CA ALA C 265 -28.63 20.23 -9.46
C ALA C 265 -28.33 20.15 -10.94
N LEU C 266 -27.07 20.26 -11.32
CA LEU C 266 -26.71 20.21 -12.73
C LEU C 266 -27.09 18.88 -13.38
N HIS C 267 -27.16 17.80 -12.60
CA HIS C 267 -27.59 16.52 -13.15
C HIS C 267 -29.11 16.32 -13.06
N HIS C 268 -29.80 16.93 -12.11
CA HIS C 268 -31.24 16.68 -11.91
C HIS C 268 -32.08 17.92 -12.21
N HIS D 13 -10.26 -41.58 5.96
CA HIS D 13 -9.83 -42.32 7.15
C HIS D 13 -8.86 -41.52 8.02
N LEU D 14 -8.38 -40.40 7.51
CA LEU D 14 -7.53 -39.48 8.28
C LEU D 14 -8.30 -38.37 8.97
N ARG D 15 -9.64 -38.34 8.89
CA ARG D 15 -10.38 -37.19 9.41
C ARG D 15 -10.22 -37.07 10.92
N ILE D 16 -9.86 -35.88 11.38
CA ILE D 16 -9.82 -35.57 12.81
C ILE D 16 -11.26 -35.35 13.28
N ARG D 17 -11.73 -36.20 14.20
CA ARG D 17 -13.12 -36.04 14.65
C ARG D 17 -13.22 -35.09 15.82
N SER D 18 -12.21 -35.04 16.65
CA SER D 18 -12.20 -34.14 17.79
C SER D 18 -12.15 -32.68 17.35
N LEU D 19 -13.08 -31.88 17.89
CA LEU D 19 -13.10 -30.44 17.57
C LEU D 19 -11.90 -29.72 18.15
N LEU D 20 -11.52 -30.07 19.38
CA LEU D 20 -10.37 -29.44 20.00
C LEU D 20 -9.11 -29.64 19.17
N ALA D 21 -8.88 -30.87 18.70
CA ALA D 21 -7.71 -31.15 17.86
C ALA D 21 -7.71 -30.26 16.61
N ARG D 22 -8.85 -30.16 15.92
CA ARG D 22 -8.96 -29.27 14.77
C ARG D 22 -8.64 -27.82 15.14
N GLN D 23 -9.16 -27.33 16.28
CA GLN D 23 -8.88 -25.96 16.70
C GLN D 23 -7.39 -25.76 16.93
N CYS D 24 -6.74 -26.74 17.59
CA CYS D 24 -5.32 -26.65 17.89
C CYS D 24 -4.49 -26.63 16.61
N LEU D 25 -4.86 -27.45 15.64
CA LEU D 25 -4.15 -27.44 14.37
C LEU D 25 -4.22 -26.06 13.69
N ALA D 26 -5.40 -25.42 13.74
CA ALA D 26 -5.54 -24.09 13.14
C ALA D 26 -4.66 -23.07 13.85
N GLU D 27 -4.68 -23.07 15.19
CA GLU D 27 -3.77 -22.21 15.94
C GLU D 27 -2.34 -22.44 15.47
N PHE D 28 -1.94 -23.71 15.38
CA PHE D 28 -0.56 -23.98 15.02
C PHE D 28 -0.25 -23.45 13.62
N LEU D 29 -1.14 -23.70 12.64
CA LEU D 29 -0.84 -23.29 11.27
C LEU D 29 -0.78 -21.77 11.14
N GLY D 30 -1.73 -21.08 11.76
CA GLY D 30 -1.82 -19.63 11.56
C GLY D 30 -0.69 -18.92 12.26
N VAL D 31 -0.35 -19.35 13.49
CA VAL D 31 0.77 -18.74 14.20
C VAL D 31 2.06 -18.99 13.43
N PHE D 32 2.22 -20.20 12.89
CA PHE D 32 3.46 -20.51 12.17
C PHE D 32 3.66 -19.56 10.98
N VAL D 33 2.61 -19.36 10.18
CA VAL D 33 2.69 -18.46 9.03
C VAL D 33 2.90 -17.01 9.50
N LEU D 34 2.14 -16.58 10.52
CA LEU D 34 2.28 -15.25 11.07
C LEU D 34 3.73 -14.96 11.44
N MET D 35 4.40 -15.96 12.04
CA MET D 35 5.72 -15.74 12.62
C MET D 35 6.83 -15.84 11.59
N LEU D 36 6.69 -16.74 10.62
CA LEU D 36 7.66 -16.81 9.53
C LEU D 36 7.73 -15.48 8.80
N LEU D 37 6.56 -14.95 8.41
CA LEU D 37 6.54 -13.70 7.65
C LEU D 37 6.99 -12.55 8.50
N THR D 38 6.66 -12.57 9.79
CA THR D 38 6.98 -11.42 10.64
C THR D 38 8.46 -11.35 10.92
N GLN D 39 9.04 -12.48 11.33
CA GLN D 39 10.46 -12.52 11.68
C GLN D 39 11.32 -12.47 10.44
N GLY D 40 10.85 -13.09 9.34
CA GLY D 40 11.61 -13.04 8.10
C GLY D 40 11.89 -11.62 7.66
N ALA D 41 10.88 -10.75 7.75
CA ALA D 41 11.05 -9.36 7.32
C ALA D 41 12.03 -8.61 8.21
N VAL D 42 12.04 -8.88 9.52
CA VAL D 42 13.07 -8.28 10.39
C VAL D 42 14.45 -8.80 10.00
N ALA D 43 14.57 -10.11 9.75
CA ALA D 43 15.86 -10.69 9.38
C ALA D 43 16.37 -10.14 8.05
N GLN D 44 15.46 -10.01 7.07
CA GLN D 44 15.78 -9.41 5.78
C GLN D 44 16.33 -8.00 5.93
N ALA D 45 15.63 -7.16 6.69
CA ALA D 45 16.14 -5.80 6.92
C ALA D 45 17.48 -5.83 7.63
N VAL D 46 17.57 -6.53 8.76
CA VAL D 46 18.79 -6.52 9.56
C VAL D 46 19.96 -7.11 8.77
N THR D 47 19.84 -8.39 8.39
CA THR D 47 21.01 -9.06 7.82
C THR D 47 21.49 -8.40 6.53
N SER D 48 20.60 -7.68 5.82
CA SER D 48 21.03 -7.08 4.55
C SER D 48 21.68 -5.72 4.72
N GLY D 49 21.90 -5.28 5.94
CA GLY D 49 22.45 -3.97 6.15
C GLY D 49 21.48 -2.91 5.69
N GLU D 50 20.21 -3.27 5.75
CA GLU D 50 19.09 -2.44 5.34
C GLU D 50 19.01 -2.14 3.88
N THR D 51 19.51 -3.03 3.07
CA THR D 51 19.48 -2.83 1.65
C THR D 51 18.34 -3.60 1.03
N LYS D 52 17.68 -4.43 1.82
CA LYS D 52 16.59 -5.26 1.34
C LYS D 52 15.37 -5.14 2.21
N GLY D 53 15.43 -4.37 3.29
CA GLY D 53 14.29 -4.12 4.14
C GLY D 53 14.63 -2.92 5.00
N ASN D 54 13.64 -2.41 5.72
CA ASN D 54 13.92 -1.38 6.72
C ASN D 54 12.72 -1.28 7.66
N PHE D 55 12.70 -0.24 8.52
CA PHE D 55 11.62 -0.10 9.50
C PHE D 55 10.25 -0.16 8.83
N PHE D 56 10.10 0.50 7.69
CA PHE D 56 8.78 0.53 7.07
C PHE D 56 8.42 -0.83 6.52
N THR D 57 9.37 -1.46 5.83
CA THR D 57 9.20 -2.82 5.35
C THR D 57 8.86 -3.80 6.48
N MET D 58 9.45 -3.62 7.67
CA MET D 58 9.10 -4.51 8.78
C MET D 58 7.66 -4.30 9.22
N PHE D 59 7.23 -3.03 9.32
CA PHE D 59 5.86 -2.76 9.77
C PHE D 59 4.84 -3.23 8.75
N LEU D 60 5.10 -2.96 7.46
CA LEU D 60 4.22 -3.42 6.39
C LEU D 60 4.14 -4.94 6.34
N ALA D 61 5.31 -5.61 6.38
CA ALA D 61 5.32 -7.08 6.31
C ALA D 61 4.59 -7.70 7.49
N GLY D 62 4.80 -7.16 8.69
CA GLY D 62 4.08 -7.69 9.84
C GLY D 62 2.58 -7.52 9.74
N SER D 63 2.12 -6.52 9.01
CA SER D 63 0.67 -6.41 8.90
C SER D 63 0.13 -7.26 7.76
N LEU D 64 0.92 -7.46 6.71
CA LEU D 64 0.60 -8.48 5.72
C LEU D 64 0.57 -9.88 6.33
N ALA D 65 1.51 -10.19 7.24
CA ALA D 65 1.55 -11.53 7.87
C ALA D 65 0.28 -11.80 8.64
N VAL D 66 -0.23 -10.78 9.33
CA VAL D 66 -1.48 -10.94 10.05
C VAL D 66 -2.61 -11.23 9.08
N THR D 67 -2.73 -10.39 8.03
CA THR D 67 -3.77 -10.63 7.02
C THR D 67 -3.72 -12.07 6.53
N ILE D 68 -2.55 -12.50 6.05
CA ILE D 68 -2.42 -13.83 5.46
C ILE D 68 -2.68 -14.91 6.50
N ALA D 69 -2.15 -14.75 7.71
CA ALA D 69 -2.32 -15.76 8.74
C ALA D 69 -3.76 -15.88 9.18
N ILE D 70 -4.51 -14.78 9.14
CA ILE D 70 -5.91 -14.90 9.55
C ILE D 70 -6.74 -15.58 8.45
N TYR D 71 -6.40 -15.37 7.17
CA TYR D 71 -7.00 -16.19 6.13
C TYR D 71 -6.69 -17.68 6.36
N VAL D 72 -5.40 -17.99 6.50
CA VAL D 72 -4.99 -19.36 6.76
C VAL D 72 -5.77 -19.92 7.94
N GLY D 73 -5.95 -19.11 8.99
CA GLY D 73 -6.64 -19.57 10.19
C GLY D 73 -8.15 -19.70 10.07
N GLY D 74 -8.74 -19.36 8.92
CA GLY D 74 -10.18 -19.38 8.76
C GLY D 74 -10.85 -18.04 8.99
N ASN D 75 -10.19 -16.94 8.65
CA ASN D 75 -10.76 -15.62 8.88
C ASN D 75 -10.85 -15.35 10.38
N VAL D 76 -11.46 -14.22 10.74
CA VAL D 76 -11.41 -13.73 12.11
C VAL D 76 -12.28 -14.60 13.00
N SER D 77 -13.23 -15.27 12.38
CA SER D 77 -14.09 -16.25 13.03
C SER D 77 -13.35 -17.55 13.38
N GLY D 78 -12.18 -17.81 12.79
CA GLY D 78 -11.50 -19.08 12.96
C GLY D 78 -10.43 -19.04 14.04
N ALA D 79 -9.17 -19.26 13.65
CA ALA D 79 -8.09 -19.30 14.62
C ALA D 79 -7.90 -17.94 15.28
N HIS D 80 -7.40 -17.98 16.52
CA HIS D 80 -7.13 -16.83 17.38
C HIS D 80 -5.73 -16.24 17.16
N LEU D 81 -4.70 -17.08 17.09
CA LEU D 81 -3.31 -16.74 16.79
C LEU D 81 -2.66 -15.93 17.89
N ASN D 82 -3.35 -15.72 18.99
CA ASN D 82 -2.92 -14.68 19.91
C ASN D 82 -3.49 -14.93 21.30
N PRO D 83 -2.64 -15.17 22.31
CA PRO D 83 -3.16 -15.36 23.67
C PRO D 83 -4.05 -14.20 24.14
N ALA D 84 -3.83 -12.99 23.65
CA ALA D 84 -4.65 -11.87 24.09
C ALA D 84 -6.06 -11.98 23.52
N PHE D 85 -6.17 -12.37 22.25
CA PHE D 85 -7.48 -12.63 21.67
C PHE D 85 -8.16 -13.83 22.34
N SER D 86 -7.40 -14.90 22.60
CA SER D 86 -7.99 -16.05 23.28
C SER D 86 -8.54 -15.64 24.65
N LEU D 87 -7.82 -14.79 25.39
CA LEU D 87 -8.36 -14.26 26.64
C LEU D 87 -9.68 -13.51 26.40
N ALA D 88 -9.69 -12.64 25.37
CA ALA D 88 -10.91 -11.90 25.05
C ALA D 88 -12.07 -12.85 24.73
N MET D 89 -11.80 -13.90 23.95
CA MET D 89 -12.84 -14.86 23.62
C MET D 89 -13.37 -15.56 24.86
N CYS D 90 -12.50 -15.81 25.84
CA CYS D 90 -13.01 -16.34 27.11
C CYS D 90 -13.85 -15.30 27.84
N ILE D 91 -13.36 -14.07 27.90
CA ILE D 91 -14.06 -13.05 28.68
C ILE D 91 -15.48 -12.89 28.19
N VAL D 92 -15.69 -12.91 26.86
CA VAL D 92 -17.04 -12.73 26.31
C VAL D 92 -17.76 -14.07 26.15
N GLY D 93 -17.20 -15.15 26.71
CA GLY D 93 -17.86 -16.43 26.72
C GLY D 93 -17.86 -17.20 25.41
N ARG D 94 -16.92 -16.94 24.52
CA ARG D 94 -16.88 -17.66 23.25
C ARG D 94 -15.86 -18.79 23.24
N LEU D 95 -14.94 -18.79 24.17
CA LEU D 95 -14.02 -19.89 24.34
C LEU D 95 -14.15 -20.38 25.77
N PRO D 96 -14.43 -21.67 26.00
CA PRO D 96 -14.44 -22.17 27.37
C PRO D 96 -13.10 -21.89 28.04
N TRP D 97 -13.16 -21.46 29.30
CA TRP D 97 -11.91 -21.17 30.00
C TRP D 97 -10.94 -22.35 29.97
N VAL D 98 -11.46 -23.57 30.06
CA VAL D 98 -10.58 -24.72 30.22
C VAL D 98 -9.70 -24.91 28.98
N LYS D 99 -10.17 -24.45 27.81
CA LYS D 99 -9.34 -24.56 26.61
C LYS D 99 -8.27 -23.48 26.55
N LEU D 100 -8.32 -22.45 27.39
CA LEU D 100 -7.40 -21.32 27.21
C LEU D 100 -5.94 -21.73 27.38
N PRO D 101 -5.57 -22.54 28.39
CA PRO D 101 -4.16 -22.97 28.50
C PRO D 101 -3.70 -23.78 27.31
N ILE D 102 -4.62 -24.53 26.67
CA ILE D 102 -4.28 -25.34 25.52
C ILE D 102 -3.94 -24.45 24.32
N TYR D 103 -4.79 -23.45 24.08
CA TYR D 103 -4.55 -22.51 22.98
C TYR D 103 -3.23 -21.78 23.16
N ILE D 104 -3.01 -21.23 24.35
CA ILE D 104 -1.80 -20.44 24.59
C ILE D 104 -0.55 -21.29 24.38
N LEU D 105 -0.59 -22.54 24.86
CA LEU D 105 0.55 -23.44 24.71
C LEU D 105 0.80 -23.78 23.24
N VAL D 106 -0.25 -24.04 22.47
CA VAL D 106 -0.07 -24.33 21.05
C VAL D 106 0.47 -23.10 20.31
N GLN D 107 -0.05 -21.92 20.66
CA GLN D 107 0.47 -20.67 20.12
C GLN D 107 1.95 -20.49 20.46
N LEU D 108 2.32 -20.67 21.74
CA LEU D 108 3.72 -20.58 22.12
C LEU D 108 4.57 -21.57 21.31
N LEU D 109 4.10 -22.83 21.21
CA LEU D 109 4.92 -23.85 20.57
C LEU D 109 5.11 -23.54 19.10
N SER D 110 4.02 -23.12 18.43
CA SER D 110 4.09 -22.76 17.02
C SER D 110 5.10 -21.62 16.80
N ALA D 111 5.05 -20.60 17.65
CA ALA D 111 5.95 -19.47 17.48
C ALA D 111 7.40 -19.90 17.69
N PHE D 112 7.63 -20.72 18.70
CA PHE D 112 8.96 -21.31 18.92
C PHE D 112 9.45 -22.06 17.68
N CYS D 113 8.60 -22.93 17.13
CA CYS D 113 9.00 -23.72 15.95
C CYS D 113 9.27 -22.82 14.75
N ALA D 114 8.42 -21.82 14.53
CA ALA D 114 8.62 -20.89 13.42
C ALA D 114 9.94 -20.14 13.55
N SER D 115 10.35 -19.82 14.78
CA SER D 115 11.65 -19.22 14.99
C SER D 115 12.75 -20.14 14.52
N GLY D 116 12.65 -21.45 14.81
CA GLY D 116 13.59 -22.40 14.26
C GLY D 116 13.66 -22.31 12.74
N ALA D 117 12.50 -22.26 12.08
CA ALA D 117 12.49 -22.18 10.63
C ALA D 117 13.12 -20.88 10.13
N THR D 118 12.81 -19.76 10.78
CA THR D 118 13.47 -18.49 10.44
C THR D 118 14.98 -18.63 10.54
N TYR D 119 15.46 -19.22 11.64
CA TYR D 119 16.89 -19.36 11.87
C TYR D 119 17.55 -20.17 10.75
N VAL D 120 16.90 -21.23 10.30
CA VAL D 120 17.40 -22.03 9.19
C VAL D 120 17.27 -21.27 7.87
N LEU D 121 16.13 -20.59 7.65
CA LEU D 121 15.98 -19.78 6.43
C LEU D 121 17.11 -18.75 6.30
N TYR D 122 17.52 -18.11 7.39
CA TYR D 122 18.50 -17.04 7.34
C TYR D 122 19.86 -17.42 7.92
N HIS D 123 20.18 -18.72 7.95
CA HIS D 123 21.44 -19.17 8.53
C HIS D 123 22.66 -18.50 7.90
N ASP D 124 22.80 -18.63 6.58
CA ASP D 124 23.95 -18.03 5.90
C ASP D 124 23.98 -16.51 6.08
N ALA D 125 22.81 -15.85 6.02
CA ALA D 125 22.75 -14.39 6.17
C ALA D 125 23.11 -13.96 7.59
N LEU D 126 22.63 -14.71 8.60
CA LEU D 126 23.00 -14.48 10.00
C LEU D 126 24.51 -14.60 10.20
N GLN D 127 25.08 -15.73 9.78
CA GLN D 127 26.52 -15.93 9.87
C GLN D 127 27.28 -14.79 9.21
N ASN D 128 26.86 -14.40 8.00
CA ASN D 128 27.57 -13.35 7.27
C ASN D 128 27.43 -12.01 7.99
N TYR D 129 26.24 -11.72 8.53
CA TYR D 129 26.04 -10.45 9.22
C TYR D 129 26.81 -10.38 10.54
N THR D 130 26.82 -11.48 11.29
CA THR D 130 27.35 -11.47 12.65
C THR D 130 28.75 -12.07 12.78
N GLY D 131 29.25 -12.74 11.75
CA GLY D 131 30.45 -13.54 11.90
C GLY D 131 30.31 -14.61 12.97
N GLY D 132 29.09 -14.99 13.34
CA GLY D 132 28.87 -15.99 14.37
C GLY D 132 28.68 -15.43 15.77
N ASN D 133 28.79 -14.12 15.96
CA ASN D 133 28.60 -13.51 17.27
C ASN D 133 27.14 -13.12 17.46
N LEU D 134 26.42 -13.89 18.27
CA LEU D 134 24.98 -13.72 18.50
C LEU D 134 24.76 -12.87 19.74
N THR D 135 24.44 -11.59 19.54
CA THR D 135 24.32 -10.64 20.63
C THR D 135 22.89 -10.14 20.75
N VAL D 136 22.59 -9.54 21.90
CA VAL D 136 21.26 -9.06 22.19
C VAL D 136 21.15 -7.55 22.12
N THR D 137 22.22 -6.81 22.45
CA THR D 137 22.29 -5.37 22.32
C THR D 137 23.56 -5.02 21.54
N GLY D 138 23.59 -3.82 20.98
CA GLY D 138 24.77 -3.38 20.27
C GLY D 138 24.53 -3.28 18.78
N PRO D 139 25.53 -2.73 18.06
CA PRO D 139 25.31 -2.43 16.64
C PRO D 139 24.93 -3.65 15.80
N LYS D 140 25.35 -4.84 16.20
CA LYS D 140 25.14 -6.03 15.36
C LYS D 140 24.20 -7.04 16.02
N GLU D 141 23.47 -6.67 17.07
CA GLU D 141 22.56 -7.60 17.73
C GLU D 141 21.54 -8.13 16.73
N THR D 142 21.16 -9.40 16.91
CA THR D 142 20.21 -10.05 16.03
C THR D 142 19.06 -10.71 16.79
N ALA D 143 19.06 -10.61 18.13
CA ALA D 143 17.99 -11.14 18.96
C ALA D 143 16.64 -10.49 18.64
N SER D 144 16.65 -9.24 18.16
CA SER D 144 15.38 -8.61 17.84
C SER D 144 14.78 -9.13 16.54
N ILE D 145 15.50 -9.99 15.81
CA ILE D 145 14.87 -10.67 14.68
C ILE D 145 13.70 -11.54 15.17
N PHE D 146 13.84 -12.14 16.35
CA PHE D 146 12.87 -13.12 16.81
C PHE D 146 11.88 -12.56 17.82
N ALA D 147 12.34 -11.79 18.81
CA ALA D 147 11.48 -11.19 19.81
C ALA D 147 11.75 -9.70 19.89
N THR D 148 10.91 -8.99 20.64
CA THR D 148 10.93 -7.54 20.67
C THR D 148 11.63 -7.03 21.92
N TYR D 149 12.28 -5.89 21.79
CA TYR D 149 13.07 -5.22 22.80
C TYR D 149 12.76 -3.73 22.80
N PRO D 150 12.78 -3.08 23.96
CA PRO D 150 12.38 -1.67 24.03
C PRO D 150 13.46 -0.73 23.54
N ALA D 151 13.03 0.43 23.05
CA ALA D 151 14.01 1.47 22.76
C ALA D 151 14.82 1.71 24.03
N PRO D 152 16.08 2.15 23.89
CA PRO D 152 16.90 2.38 25.10
C PRO D 152 16.29 3.36 26.10
N TYR D 153 15.44 4.30 25.66
CA TYR D 153 14.96 5.35 26.56
C TYR D 153 13.74 4.92 27.35
N LEU D 154 13.16 3.76 27.04
CA LEU D 154 11.85 3.38 27.52
C LEU D 154 11.92 2.71 28.89
N SER D 155 11.20 3.28 29.86
CA SER D 155 10.95 2.61 31.14
C SER D 155 9.89 1.54 30.98
N LEU D 156 9.97 0.55 31.88
CA LEU D 156 8.95 -0.50 31.96
C LEU D 156 7.54 0.10 32.02
N ASN D 157 7.36 1.16 32.81
CA ASN D 157 6.05 1.81 32.93
C ASN D 157 5.54 2.25 31.57
N ASN D 158 6.31 3.10 30.89
CA ASN D 158 5.92 3.56 29.56
C ASN D 158 5.76 2.40 28.59
N GLY D 159 6.67 1.41 28.66
CA GLY D 159 6.53 0.24 27.80
C GLY D 159 5.26 -0.53 28.13
N PHE D 160 4.97 -0.69 29.42
CA PHE D 160 3.75 -1.39 29.79
C PHE D 160 2.53 -0.70 29.20
N LEU D 161 2.39 0.61 29.44
CA LEU D 161 1.26 1.35 28.91
C LEU D 161 1.16 1.19 27.40
N ASP D 162 2.28 1.40 26.70
CA ASP D 162 2.30 1.25 25.25
C ASP D 162 1.67 -0.08 24.79
N GLN D 163 2.00 -1.19 25.46
CA GLN D 163 1.45 -2.45 25.00
C GLN D 163 0.00 -2.65 25.45
N VAL D 164 -0.39 -2.12 26.61
CA VAL D 164 -1.79 -2.12 27.02
C VAL D 164 -2.64 -1.39 25.99
N LEU D 165 -2.17 -0.22 25.55
CA LEU D 165 -2.95 0.59 24.60
C LEU D 165 -3.02 -0.09 23.24
N GLY D 166 -1.86 -0.42 22.66
CA GLY D 166 -1.83 -1.04 21.36
C GLY D 166 -2.68 -2.28 21.28
N THR D 167 -2.55 -3.15 22.28
CA THR D 167 -3.31 -4.42 22.31
C THR D 167 -4.78 -4.16 22.59
N GLY D 168 -5.09 -3.23 23.50
CA GLY D 168 -6.49 -2.88 23.73
C GLY D 168 -7.17 -2.39 22.46
N MET D 169 -6.50 -1.51 21.71
CA MET D 169 -7.08 -1.04 20.46
C MET D 169 -7.26 -2.18 19.47
N LEU D 170 -6.26 -3.05 19.33
CA LEU D 170 -6.39 -4.18 18.41
C LEU D 170 -7.60 -5.04 18.78
N ILE D 171 -7.74 -5.38 20.07
CA ILE D 171 -8.81 -6.27 20.50
C ILE D 171 -10.18 -5.66 20.25
N VAL D 172 -10.32 -4.37 20.56
CA VAL D 172 -11.59 -3.70 20.33
C VAL D 172 -11.95 -3.79 18.85
N GLY D 173 -10.98 -3.55 17.97
CA GLY D 173 -11.23 -3.68 16.54
C GLY D 173 -11.66 -5.09 16.15
N LEU D 174 -10.90 -6.10 16.61
CA LEU D 174 -11.26 -7.48 16.33
C LEU D 174 -12.67 -7.79 16.87
N LEU D 175 -12.98 -7.35 18.08
CA LEU D 175 -14.33 -7.56 18.60
C LEU D 175 -15.37 -6.90 17.70
N ALA D 176 -15.10 -5.67 17.25
CA ALA D 176 -16.10 -5.00 16.44
C ALA D 176 -16.26 -5.70 15.09
N ILE D 177 -15.18 -6.18 14.50
CA ILE D 177 -15.29 -6.91 13.25
C ILE D 177 -16.05 -8.21 13.44
N LEU D 178 -15.84 -8.87 14.59
CA LEU D 178 -16.50 -10.15 14.86
C LEU D 178 -17.98 -9.96 15.17
N ASP D 179 -18.33 -8.93 15.95
CA ASP D 179 -19.69 -8.75 16.42
C ASP D 179 -20.68 -8.59 15.27
N ARG D 180 -21.56 -9.58 15.07
CA ARG D 180 -22.54 -9.55 13.98
C ARG D 180 -23.71 -8.60 14.24
N ARG D 181 -23.83 -8.05 15.45
CA ARG D 181 -24.75 -6.94 15.65
C ARG D 181 -24.29 -5.69 14.94
N ASN D 182 -23.01 -5.60 14.56
CA ASN D 182 -22.57 -4.49 13.71
C ASN D 182 -22.82 -4.84 12.23
N LYS D 183 -22.73 -3.81 11.38
CA LYS D 183 -22.99 -4.02 9.96
C LYS D 183 -21.87 -4.80 9.29
N GLY D 184 -20.66 -4.71 9.83
CA GLY D 184 -19.55 -5.51 9.37
C GLY D 184 -18.94 -5.03 8.08
N VAL D 185 -17.68 -5.36 7.85
CA VAL D 185 -17.04 -5.11 6.56
C VAL D 185 -17.37 -6.29 5.66
N PRO D 186 -17.10 -6.22 4.35
CA PRO D 186 -17.63 -7.24 3.45
C PRO D 186 -17.05 -8.61 3.74
N ALA D 187 -17.87 -9.63 3.50
CA ALA D 187 -17.44 -11.00 3.74
C ALA D 187 -16.20 -11.31 2.91
N GLY D 188 -15.19 -11.87 3.58
CA GLY D 188 -13.96 -12.21 2.90
C GLY D 188 -12.90 -11.12 2.92
N LEU D 189 -13.21 -9.93 3.44
CA LEU D 189 -12.21 -8.87 3.50
C LEU D 189 -11.82 -8.49 4.92
N GLU D 190 -12.52 -8.99 5.93
CA GLU D 190 -12.09 -8.82 7.31
C GLU D 190 -10.57 -8.91 7.49
N PRO D 191 -9.87 -9.97 7.02
CA PRO D 191 -8.43 -10.06 7.32
C PRO D 191 -7.65 -8.87 6.78
N VAL D 192 -8.08 -8.33 5.64
CA VAL D 192 -7.43 -7.18 5.01
C VAL D 192 -7.56 -5.96 5.91
N VAL D 193 -8.74 -5.74 6.46
CA VAL D 193 -8.98 -4.62 7.35
C VAL D 193 -8.22 -4.78 8.67
N VAL D 194 -8.12 -6.02 9.19
CA VAL D 194 -7.29 -6.24 10.36
C VAL D 194 -5.85 -5.88 10.03
N GLY D 195 -5.35 -6.36 8.89
CA GLY D 195 -4.02 -5.95 8.45
C GLY D 195 -3.85 -4.44 8.43
N MET D 196 -4.83 -3.71 7.85
CA MET D 196 -4.77 -2.25 7.87
C MET D 196 -4.69 -1.70 9.30
N LEU D 197 -5.42 -2.33 10.25
CA LEU D 197 -5.31 -1.92 11.65
C LEU D 197 -3.90 -2.13 12.19
N ILE D 198 -3.30 -3.28 11.84
CA ILE D 198 -1.96 -3.59 12.31
C ILE D 198 -0.96 -2.60 11.76
N LEU D 199 -1.10 -2.27 10.47
CA LEU D 199 -0.21 -1.29 9.85
C LEU D 199 -0.29 0.05 10.55
N ALA D 200 -1.53 0.52 10.81
CA ALA D 200 -1.76 1.78 11.49
C ALA D 200 -1.11 1.80 12.88
N LEU D 201 -1.31 0.71 13.65
CA LEU D 201 -0.70 0.61 14.98
C LEU D 201 0.81 0.63 14.90
N GLY D 202 1.37 -0.03 13.89
CA GLY D 202 2.81 -0.07 13.74
C GLY D 202 3.42 1.28 13.43
N LEU D 203 2.71 2.10 12.62
CA LEU D 203 3.22 3.42 12.24
C LEU D 203 2.92 4.50 13.29
N SER D 204 1.97 4.27 14.19
CA SER D 204 1.63 5.28 15.18
C SER D 204 2.11 4.96 16.58
N MET D 205 2.25 3.68 16.94
CA MET D 205 2.72 3.34 18.28
C MET D 205 3.61 2.10 18.24
N GLY D 206 4.44 1.97 17.18
CA GLY D 206 5.43 0.94 17.05
C GLY D 206 6.84 1.33 17.41
N ALA D 207 7.08 2.59 17.79
CA ALA D 207 8.44 3.06 18.03
C ALA D 207 8.97 2.65 19.41
N ASN D 208 8.09 2.60 20.42
CA ASN D 208 8.58 2.35 21.77
C ASN D 208 9.16 0.96 21.91
N CYS D 209 8.51 -0.05 21.33
CA CYS D 209 8.98 -1.42 21.51
C CYS D 209 8.51 -2.38 20.43
N GLY D 210 8.26 -1.89 19.21
CA GLY D 210 8.00 -2.82 18.12
C GLY D 210 6.68 -3.57 18.18
N ILE D 211 5.70 -2.97 18.82
CA ILE D 211 4.36 -3.48 18.85
C ILE D 211 4.07 -4.99 18.70
N PRO D 212 4.49 -5.78 19.76
CA PRO D 212 4.20 -7.21 19.60
C PRO D 212 2.74 -7.57 19.75
N LEU D 213 2.02 -6.96 20.69
CA LEU D 213 0.61 -7.19 20.90
C LEU D 213 0.20 -8.65 20.97
N ASN D 214 1.14 -9.52 21.24
CA ASN D 214 0.86 -10.95 21.18
C ASN D 214 1.88 -11.68 22.07
N PRO D 215 1.49 -12.09 23.27
CA PRO D 215 2.44 -12.80 24.15
C PRO D 215 3.11 -14.02 23.52
N ALA D 216 2.41 -14.81 22.70
CA ALA D 216 3.03 -15.98 22.10
C ALA D 216 4.07 -15.58 21.07
N ARG D 217 3.76 -14.55 20.28
CA ARG D 217 4.66 -14.02 19.27
C ARG D 217 5.94 -13.49 19.88
N ASP D 218 5.93 -13.15 21.16
CA ASP D 218 7.13 -12.61 21.79
C ASP D 218 7.86 -13.64 22.65
N LEU D 219 7.16 -14.34 23.55
CA LEU D 219 7.83 -15.23 24.52
C LEU D 219 8.41 -16.47 23.84
N GLY D 220 7.66 -17.12 22.96
CA GLY D 220 8.09 -18.32 22.27
C GLY D 220 9.42 -18.13 21.57
N PRO D 221 9.49 -17.08 20.73
CA PRO D 221 10.75 -16.79 20.05
C PRO D 221 11.86 -16.34 20.98
N ARG D 222 11.53 -15.64 22.07
CA ARG D 222 12.54 -15.31 23.06
C ARG D 222 13.13 -16.59 23.66
N LEU D 223 12.27 -17.55 24.01
CA LEU D 223 12.73 -18.86 24.46
C LEU D 223 13.60 -19.52 23.40
N PHE D 224 13.24 -19.38 22.12
CA PHE D 224 14.11 -19.95 21.09
C PHE D 224 15.50 -19.32 21.14
N THR D 225 15.59 -17.99 21.27
CA THR D 225 16.91 -17.37 21.23
C THR D 225 17.70 -17.66 22.49
N TYR D 226 17.02 -17.90 23.61
CA TYR D 226 17.69 -18.35 24.84
C TYR D 226 18.53 -19.61 24.61
N VAL D 227 17.94 -20.64 23.98
CA VAL D 227 18.62 -21.92 23.82
C VAL D 227 19.40 -22.07 22.53
N ALA D 228 19.22 -21.18 21.56
CA ALA D 228 19.76 -21.37 20.22
C ALA D 228 20.97 -20.49 19.95
N GLY D 229 21.51 -19.83 20.97
CA GLY D 229 22.77 -19.14 20.84
C GLY D 229 22.86 -17.76 21.48
N TRP D 230 21.73 -17.16 21.85
CA TRP D 230 21.78 -15.80 22.40
C TRP D 230 21.94 -15.76 23.92
N GLY D 231 21.60 -16.84 24.65
CA GLY D 231 21.82 -16.90 26.07
C GLY D 231 20.88 -16.09 26.95
N PRO D 232 21.20 -15.97 28.24
CA PRO D 232 20.24 -15.42 29.20
C PRO D 232 20.01 -13.93 29.06
N GLU D 233 20.85 -13.25 28.31
CA GLU D 233 20.66 -11.81 28.14
C GLU D 233 19.33 -11.49 27.47
N VAL D 234 18.71 -12.45 26.78
CA VAL D 234 17.40 -12.17 26.19
C VAL D 234 16.34 -11.95 27.27
N PHE D 235 16.58 -12.43 28.50
CA PHE D 235 15.67 -12.17 29.62
C PHE D 235 16.12 -11.02 30.53
N SER D 236 17.41 -10.68 30.57
CA SER D 236 17.81 -9.51 31.34
C SER D 236 17.75 -8.20 30.57
N ALA D 237 18.00 -8.22 29.25
CA ALA D 237 17.96 -7.01 28.43
C ALA D 237 16.72 -6.17 28.72
N GLY D 238 16.86 -4.86 28.56
CA GLY D 238 15.74 -3.95 28.74
C GLY D 238 15.19 -3.83 30.16
N ASN D 239 16.03 -4.05 31.18
CA ASN D 239 15.58 -4.06 32.57
C ASN D 239 14.57 -5.17 32.81
N GLY D 240 14.86 -6.36 32.27
CA GLY D 240 13.97 -7.49 32.45
C GLY D 240 12.70 -7.28 31.64
N TRP D 241 12.88 -6.95 30.38
CA TRP D 241 11.77 -6.53 29.54
C TRP D 241 10.84 -7.71 29.20
N TRP D 242 11.38 -8.93 29.20
CA TRP D 242 10.68 -10.08 28.62
C TRP D 242 9.23 -10.21 29.11
N TRP D 243 8.94 -9.84 30.36
CA TRP D 243 7.60 -10.10 30.86
C TRP D 243 6.58 -9.06 30.41
N VAL D 244 7.02 -7.91 29.92
CA VAL D 244 6.08 -6.85 29.57
C VAL D 244 5.24 -7.28 28.35
N PRO D 245 5.83 -7.79 27.26
CA PRO D 245 4.98 -8.29 26.14
C PRO D 245 4.21 -9.56 26.49
N VAL D 246 4.40 -10.11 27.68
CA VAL D 246 3.57 -11.21 28.13
C VAL D 246 2.37 -10.62 28.87
N VAL D 247 2.62 -9.82 29.91
CA VAL D 247 1.52 -9.38 30.78
C VAL D 247 0.73 -8.23 30.16
N ALA D 248 1.40 -7.22 29.62
CA ALA D 248 0.69 -6.01 29.18
C ALA D 248 -0.38 -6.30 28.13
N PRO D 249 -0.13 -7.09 27.09
CA PRO D 249 -1.19 -7.35 26.11
C PRO D 249 -2.39 -8.08 26.70
N LEU D 250 -2.17 -8.95 27.70
CA LEU D 250 -3.29 -9.60 28.38
C LEU D 250 -4.09 -8.59 29.18
N VAL D 251 -3.40 -7.67 29.87
CA VAL D 251 -4.09 -6.55 30.51
C VAL D 251 -4.81 -5.71 29.46
N GLY D 252 -4.18 -5.47 28.31
CA GLY D 252 -4.83 -4.68 27.27
C GLY D 252 -6.07 -5.36 26.72
N ALA D 253 -6.01 -6.68 26.54
CA ALA D 253 -7.17 -7.41 26.05
C ALA D 253 -8.33 -7.39 27.05
N THR D 254 -8.01 -7.40 28.35
CA THR D 254 -9.06 -7.37 29.37
C THR D 254 -9.75 -6.01 29.42
N VAL D 255 -8.95 -4.93 29.37
CA VAL D 255 -9.50 -3.59 29.40
C VAL D 255 -10.23 -3.30 28.10
N GLY D 256 -9.65 -3.73 26.97
CA GLY D 256 -10.32 -3.52 25.70
C GLY D 256 -11.65 -4.23 25.61
N THR D 257 -11.69 -5.50 26.05
CA THR D 257 -12.93 -6.28 26.06
C THR D 257 -13.96 -5.67 26.98
N ALA D 258 -13.55 -5.24 28.18
CA ALA D 258 -14.50 -4.60 29.07
C ALA D 258 -15.00 -3.29 28.48
N THR D 259 -14.11 -2.54 27.84
CA THR D 259 -14.50 -1.27 27.23
C THR D 259 -15.49 -1.49 26.09
N TYR D 260 -15.18 -2.42 25.18
CA TYR D 260 -16.11 -2.76 24.12
C TYR D 260 -17.47 -3.15 24.69
N GLN D 261 -17.48 -3.92 25.80
CA GLN D 261 -18.73 -4.53 26.24
C GLN D 261 -19.64 -3.52 26.91
N LEU D 262 -19.10 -2.57 27.67
CA LEU D 262 -20.00 -1.59 28.25
C LEU D 262 -20.46 -0.59 27.19
N LEU D 263 -19.58 -0.27 26.24
CA LEU D 263 -19.99 0.59 25.12
C LEU D 263 -21.22 0.01 24.45
N VAL D 264 -21.18 -1.29 24.18
CA VAL D 264 -22.30 -1.96 23.58
C VAL D 264 -23.42 -1.83 24.58
N ALA D 265 -23.09 -2.05 25.84
CA ALA D 265 -24.05 -1.88 26.91
C ALA D 265 -23.68 -0.44 27.04
N LEU D 266 -24.68 0.40 26.83
CA LEU D 266 -24.61 1.84 26.79
C LEU D 266 -25.36 2.27 25.54
N HIS D 267 -25.57 1.36 24.62
CA HIS D 267 -26.28 1.67 23.41
C HIS D 267 -27.46 0.77 23.36
N HIS D 268 -27.57 -0.14 24.30
CA HIS D 268 -28.77 -0.97 24.29
C HIS D 268 -29.94 -0.26 24.99
C1 BNG E . -9.36 -14.49 -19.79
C2 BNG E . -10.57 -15.24 -20.33
C3 BNG E . -10.22 -16.43 -21.25
C4 BNG E . -8.73 -16.61 -21.62
C5 BNG E . -7.77 -15.62 -20.95
C6 BNG E . -6.62 -15.43 -21.94
C1' BNG E . -8.82 -12.22 -19.35
C2' BNG E . -9.45 -10.84 -19.15
C3' BNG E . -8.55 -9.92 -18.33
C4' BNG E . -7.37 -9.34 -19.12
C5' BNG E . -6.71 -8.26 -18.26
C6' BNG E . -5.61 -7.44 -18.95
C7' BNG E . -5.07 -6.43 -17.91
C8' BNG E . -3.76 -5.69 -18.25
C9' BNG E . -3.26 -5.97 -19.67
O1 BNG E . -9.80 -13.21 -19.42
O2 BNG E . -11.40 -15.64 -19.26
O3 BNG E . -10.72 -17.63 -20.70
O4 BNG E . -8.31 -17.93 -21.37
O5 BNG E . -8.35 -14.38 -20.75
O6 BNG E . -5.41 -15.31 -21.27
C1 BNG F . 27.30 -25.01 -16.24
C2 BNG F . 28.11 -23.74 -16.11
C3 BNG F . 28.87 -23.66 -14.78
C4 BNG F . 28.23 -24.40 -13.61
C5 BNG F . 27.40 -25.59 -14.06
C6 BNG F . 26.49 -26.01 -12.92
C1' BNG F . 25.58 -25.92 -17.48
C2' BNG F . 24.57 -25.56 -18.54
C3' BNG F . 23.28 -25.14 -17.86
C4' BNG F . 22.31 -24.68 -18.93
C5' BNG F . 21.44 -25.86 -19.30
C6' BNG F . 20.03 -25.37 -19.54
C7' BNG F . 19.48 -26.18 -20.68
C8' BNG F . 17.98 -26.31 -20.51
C9' BNG F . 17.32 -25.33 -21.48
O1 BNG F . 26.36 -24.81 -17.24
O2 BNG F . 29.00 -23.69 -17.17
O3 BNG F . 30.17 -24.11 -14.90
O4 BNG F . 29.25 -24.84 -12.78
O5 BNG F . 26.57 -25.20 -15.08
O6 BNG F . 26.11 -27.33 -13.12
C1 BNG G . -13.31 -27.47 5.49
C2 BNG G . -14.44 -28.28 4.84
C3 BNG G . -15.67 -28.26 5.74
C4 BNG G . -15.28 -28.69 7.14
C5 BNG G . -14.07 -27.91 7.65
C6 BNG G . -13.64 -28.51 8.98
C1' BNG G . -10.96 -27.25 5.28
C2' BNG G . -9.90 -27.40 4.20
C3' BNG G . -8.53 -27.41 4.86
C4' BNG G . -7.49 -26.74 3.98
C5' BNG G . -6.46 -26.11 4.92
C6' BNG G . -5.57 -25.13 4.18
C7' BNG G . -5.11 -24.03 5.13
C8' BNG G . -3.75 -23.50 4.70
C9' BNG G . -3.89 -22.16 3.97
O1 BNG G . -12.17 -27.58 4.68
O2 BNG G . -14.79 -27.72 3.60
O3 BNG G . -16.17 -26.95 5.82
O4 BNG G . -16.38 -28.45 7.98
O5 BNG G . -12.97 -27.96 6.76
O6 BNG G . -12.54 -27.82 9.51
C1 GOL H . 2.79 -17.76 -8.92
O1 GOL H . 2.41 -18.99 -9.39
C2 GOL H . 3.31 -17.09 -10.14
O2 GOL H . 2.32 -16.24 -10.61
C3 GOL H . 4.54 -16.37 -9.62
O3 GOL H . 5.59 -16.66 -10.46
C1 GOL I . -1.70 -5.04 -1.49
O1 GOL I . -3.08 -4.75 -1.50
C2 GOL I . -1.38 -6.06 -2.59
O2 GOL I . -2.25 -5.92 -3.68
C3 GOL I . 0.00 -5.85 -3.18
O3 GOL I . -0.16 -6.38 -4.47
C1 BNG J . -21.10 10.46 -10.51
C2 BNG J . -22.53 10.22 -10.95
C3 BNG J . -22.95 10.95 -12.24
C4 BNG J . -21.90 11.87 -12.89
C5 BNG J . -20.57 11.93 -12.14
C6 BNG J . -19.98 13.32 -12.35
C1' BNG J . -19.83 10.02 -8.56
C2' BNG J . -19.99 9.40 -7.18
C3' BNG J . -18.69 9.38 -6.38
C4' BNG J . -18.90 8.30 -5.32
C5' BNG J . -17.94 8.48 -4.13
C6' BNG J . -16.62 9.03 -4.62
C7' BNG J . -15.74 9.31 -3.40
C8' BNG J . -14.30 9.49 -3.87
C9' BNG J . -13.51 10.03 -2.69
O1 BNG J . -21.09 10.25 -9.13
O2 BNG J . -22.72 8.83 -11.09
O3 BNG J . -23.43 10.02 -13.18
O4 BNG J . -21.65 11.44 -14.19
O5 BNG J . -20.76 11.78 -10.76
O6 BNG J . -18.59 13.26 -12.37
HO6 BNG J . -18.35 12.51 -12.72
C1 BNG K . 8.86 22.94 -32.36
C2 BNG K . 9.92 23.20 -31.28
C3 BNG K . 11.25 22.53 -31.66
C4 BNG K . 10.97 21.09 -32.11
C5 BNG K . 9.79 21.04 -33.09
C6 BNG K . 9.60 19.58 -33.57
C1' BNG K . 6.77 22.81 -31.38
C2' BNG K . 5.50 22.85 -32.21
C3' BNG K . 4.59 23.81 -31.47
C4' BNG K . 3.63 23.05 -30.57
C5' BNG K . 2.23 23.11 -31.16
C6' BNG K . 1.22 22.57 -30.16
C7' BNG K . -0.20 22.90 -30.61
C8' BNG K . -1.15 21.76 -30.26
C9' BNG K . -2.59 22.29 -30.12
O1 BNG K . 7.70 23.63 -31.99
O2 BNG K . 10.03 24.59 -31.07
O3 BNG K . 11.93 23.25 -32.66
O4 BNG K . 12.11 20.47 -32.66
O5 BNG K . 8.62 21.57 -32.51
O6 BNG K . 8.50 18.95 -32.97
C1 BNG L . -12.19 -10.83 -14.33
C2 BNG L . -12.64 -11.72 -13.19
C3 BNG L . -12.41 -13.24 -13.43
C4 BNG L . -12.08 -13.62 -14.88
C5 BNG L . -11.74 -12.42 -15.76
C6 BNG L . -12.04 -12.87 -17.17
C1' BNG L . -12.18 -8.62 -15.15
C2' BNG L . -10.85 -8.23 -14.53
C3' BNG L . -10.02 -7.69 -15.66
C4' BNG L . -8.57 -7.55 -15.22
C5' BNG L . -8.30 -6.51 -14.16
C6' BNG L . -6.84 -6.16 -14.46
C7' BNG L . -6.29 -5.14 -13.46
C8' BNG L . -5.21 -5.79 -12.59
C9' BNG L . -4.64 -4.85 -11.53
O1 BNG L . -12.78 -9.57 -14.29
O2 BNG L . -12.08 -11.29 -11.98
O3 BNG L . -11.53 -13.82 -12.51
O4 BNG L . -11.10 -14.61 -15.00
O5 BNG L . -12.62 -11.39 -15.53
O6 BNG L . -13.34 -13.39 -17.13
C1 BNG M . -22.46 -0.17 -18.97
C2 BNG M . -22.55 -0.61 -17.51
C3 BNG M . -23.62 0.14 -16.73
C4 BNG M . -23.54 1.63 -17.03
C5 BNG M . -23.47 1.86 -18.55
C6 BNG M . -23.33 3.35 -18.82
C1' BNG M . -20.97 -0.36 -20.82
C2' BNG M . -20.59 -1.65 -21.53
C3' BNG M . -19.19 -1.53 -22.10
C4' BNG M . -19.28 -1.78 -23.59
C5' BNG M . -17.88 -1.97 -24.14
C6' BNG M . -17.52 -3.45 -24.27
C7' BNG M . -16.68 -3.54 -25.54
C8' BNG M . -15.81 -4.78 -25.55
C9' BNG M . -14.86 -4.68 -26.74
O1 BNG M . -21.29 -0.72 -19.51
O2 BNG M . -22.79 -2.01 -17.49
O3 BNG M . -24.89 -0.31 -17.10
O4 BNG M . -24.66 2.30 -16.54
O5 BNG M . -22.34 1.22 -19.07
O6 BNG M . -23.15 3.57 -20.20
C1 BNG N . -14.22 7.57 -38.64
C2 BNG N . -15.25 8.13 -39.61
C3 BNG N . -16.30 7.08 -39.95
C4 BNG N . -15.82 5.63 -39.98
C5 BNG N . -14.66 5.40 -39.03
C6 BNG N . -14.04 4.06 -39.36
C1' BNG N . -12.21 8.04 -37.61
C2' BNG N . -11.19 9.15 -37.38
C3' BNG N . -10.31 8.80 -36.19
C4' BNG N . -9.53 10.03 -35.74
C5' BNG N . -8.38 9.60 -34.85
C6' BNG N . -7.95 10.75 -33.95
C7' BNG N . -6.59 11.34 -34.36
C8' BNG N . -6.26 11.21 -35.85
C9' BNG N . -5.71 12.53 -36.41
O1 BNG N . -13.18 8.48 -38.50
O2 BNG N . -15.92 9.18 -39.00
O3 BNG N . -17.22 7.16 -38.94
O4 BNG N . -16.89 4.86 -39.53
O5 BNG N . -13.71 6.40 -39.19
O6 BNG N . -12.75 4.28 -39.85
C1 BNG O . 7.02 28.46 -31.28
C2 BNG O . 7.27 29.78 -30.52
C3 BNG O . 8.59 30.42 -30.96
C4 BNG O . 9.69 29.39 -30.93
C5 BNG O . 9.25 28.33 -31.93
C6 BNG O . 10.43 27.42 -32.24
C1' BNG O . 4.83 27.56 -31.20
C2' BNG O . 3.80 26.95 -30.25
C3' BNG O . 2.44 27.61 -30.42
C4' BNG O . 1.30 26.66 -30.10
C5' BNG O . 0.54 27.19 -28.90
C6' BNG O . -0.96 27.35 -29.14
C7' BNG O . -1.49 28.55 -28.33
C8' BNG O . -2.14 28.10 -27.01
C9' BNG O . -2.86 29.24 -26.29
O1 BNG O . 6.07 27.72 -30.58
O2 BNG O . 6.28 30.73 -30.76
O3 BNG O . 8.46 30.89 -32.26
O4 BNG O . 10.90 29.97 -31.30
O5 BNG O . 8.17 27.66 -31.36
O6 BNG O . 10.84 27.75 -33.54
C1 GOL P . -7.20 7.73 -16.01
O1 GOL P . -8.50 7.32 -16.12
C2 GOL P . -6.49 7.67 -17.35
O2 GOL P . -6.72 6.48 -18.00
C3 GOL P . -5.02 7.76 -17.07
O3 GOL P . -4.69 9.06 -17.30
C1 GOL Q . -4.67 0.60 -4.67
O1 GOL Q . -3.56 0.17 -3.91
C2 GOL Q . -4.13 1.38 -5.86
O2 GOL Q . -4.64 2.69 -5.86
C3 GOL Q . -2.65 1.54 -5.56
O3 GOL Q . -2.56 2.23 -4.34
C1 BNG R . -20.60 2.37 16.17
C2 BNG R . -22.06 1.98 16.35
C3 BNG R . -22.89 2.96 17.23
C4 BNG R . -22.11 4.11 17.89
C5 BNG R . -20.64 4.17 17.50
C6 BNG R . -19.97 4.87 18.68
C1' BNG R . -18.51 1.22 15.97
C2' BNG R . -17.97 -0.11 15.44
C3' BNG R . -16.56 0.04 14.85
C4' BNG R . -15.52 -0.01 15.96
C5' BNG R . -14.09 -0.04 15.38
C6' BNG R . -13.13 -0.09 16.56
C7' BNG R . -11.67 0.06 16.12
C8' BNG R . -10.79 0.37 17.33
C9' BNG R . -9.35 0.53 16.88
O1 BNG R . -19.90 1.23 15.78
O2 BNG R . -22.66 1.82 15.09
O3 BNG R . -24.01 3.47 16.56
O4 BNG R . -22.73 5.33 17.62
O5 BNG R . -20.10 2.89 17.36
O6 BNG R . -18.93 5.67 18.22
C1 BNG S . -2.51 35.67 19.39
C2 BNG S . -1.07 35.17 19.27
C3 BNG S . -0.32 35.70 18.04
C4 BNG S . -1.23 36.20 16.88
C5 BNG S . -2.66 36.53 17.31
C6 BNG S . -3.58 36.62 16.08
C1' BNG S . -3.77 33.75 20.03
C2' BNG S . -5.29 33.80 20.11
C3' BNG S . -5.72 33.01 21.33
C4' BNG S . -7.17 32.49 21.17
C5' BNG S . -7.20 31.37 20.12
C6' BNG S . -7.96 30.18 20.69
C7' BNG S . -9.45 30.43 20.63
C8' BNG S . -10.13 29.34 21.46
C9' BNG S . -11.57 29.20 20.99
O1 BNG S . -3.22 34.99 20.40
O2 BNG S . -0.35 35.49 20.43
O3 BNG S . 0.63 36.67 18.42
O4 BNG S . -0.66 37.31 16.24
O5 BNG S . -3.17 35.54 18.15
O6 BNG S . -2.96 36.03 14.96
C1 BNG T . -19.71 -1.60 10.62
C2 BNG T . -19.75 -0.52 11.69
C3 BNG T . -20.04 0.85 11.09
C4 BNG T . -20.35 0.97 9.60
C5 BNG T . -20.33 -0.38 8.92
C6 BNG T . -20.42 -0.11 7.42
C1' BNG T . -17.76 -2.92 10.76
C2' BNG T . -16.90 -2.82 12.01
C3' BNG T . -15.45 -3.03 11.60
C4' BNG T . -14.57 -1.90 12.11
C5' BNG T . -13.30 -1.92 11.28
C6' BNG T . -12.06 -1.82 12.14
C7' BNG T . -11.17 -0.74 11.58
C8' BNG T . -10.09 -1.35 10.69
C9' BNG T . -9.59 -0.34 9.67
O1 BNG T . -19.06 -2.69 11.15
O2 BNG T . -20.79 -0.80 12.57
O3 BNG T . -21.19 1.31 11.69
O4 BNG T . -21.63 1.48 9.49
O5 BNG T . -19.22 -1.11 9.39
O6 BNG T . -21.58 -0.60 6.80
C1 BNG U . -26.03 10.43 -10.08
C2 BNG U . -25.81 9.60 -8.82
C3 BNG U . -27.07 8.82 -8.44
C4 BNG U . -27.53 8.03 -9.68
C5 BNG U . -27.75 9.00 -10.84
C6 BNG U . -28.82 10.05 -10.56
C1' BNG U . -26.15 12.55 -9.09
C2' BNG U . -24.85 13.02 -9.68
C3' BNG U . -24.34 14.23 -8.91
C4' BNG U . -23.18 13.77 -8.03
C5' BNG U . -21.85 14.28 -8.55
C6' BNG U . -20.91 14.36 -7.37
C7' BNG U . -19.48 14.55 -7.78
C8' BNG U . -18.66 13.48 -7.09
C9' BNG U . -17.43 14.08 -6.46
O1 BNG U . -26.73 11.62 -9.94
O2 BNG U . -24.82 8.71 -9.17
O3 BNG U . -26.91 7.99 -7.27
O4 BNG U . -26.55 7.14 -10.11
O5 BNG U . -26.57 9.67 -11.12
O6 BNG U . -28.34 11.17 -11.25
C1 GOL V . -12.47 12.50 9.57
O1 GOL V . -13.68 12.27 8.86
C2 GOL V . -11.65 13.57 8.84
O2 GOL V . -12.50 14.51 8.17
C3 GOL V . -10.77 14.26 9.88
O3 GOL V . -9.84 15.07 9.23
C1 BNG W . -9.27 -22.97 7.09
C2 BNG W . -10.38 -24.01 7.02
C3 BNG W . -10.42 -24.94 8.28
C4 BNG W . -9.21 -24.87 9.24
C5 BNG W . -8.18 -23.82 8.81
C6 BNG W . -6.81 -24.32 9.25
C1' BNG W . -9.01 -22.83 4.70
C2' BNG W . -8.88 -21.79 3.59
C3' BNG W . -8.06 -20.63 4.12
C4' BNG W . -7.16 -20.04 3.04
C5' BNG W . -8.00 -19.28 2.01
C6' BNG W . -7.29 -17.97 1.62
C7' BNG W . -5.77 -18.10 1.55
C8' BNG W . -5.10 -16.72 1.46
C9' BNG W . -3.58 -16.82 1.26
O1 BNG W . -9.05 -22.16 5.92
O2 BNG W . -11.61 -23.42 6.73
O3 BNG W . -11.63 -24.90 9.02
O4 BNG W . -9.60 -24.62 10.57
O5 BNG W . -8.12 -23.67 7.43
O6 BNG W . -5.98 -23.23 9.46
H5 BNG W . -8.37 -22.97 9.23
C1 BNG X . 15.11 -12.95 34.73
C2 BNG X . 16.26 -12.15 34.13
C3 BNG X . 16.49 -10.86 34.91
C4 BNG X . 15.19 -10.11 35.10
C5 BNG X . 14.17 -11.07 35.71
C6 BNG X . 12.84 -10.38 35.95
C1' BNG X . 13.58 -14.62 34.16
C2' BNG X . 13.12 -15.61 33.10
C3' BNG X . 11.66 -15.83 33.43
C4' BNG X . 11.05 -17.08 32.80
C5' BNG X . 11.62 -17.22 31.40
C6' BNG X . 10.53 -17.79 30.52
C7' BNG X . 9.35 -18.31 31.35
C8' BNG X . 8.73 -19.47 30.56
C9' BNG X . 9.42 -20.79 30.94
O1 BNG X . 14.78 -13.99 33.85
O2 BNG X . 17.44 -12.90 34.16
O3 BNG X . 16.94 -11.25 36.18
O4 BNG X . 15.41 -9.03 35.96
O5 BNG X . 13.96 -12.15 34.84
O6 BNG X . 12.62 -9.36 35.02
C1 BNG Y . -24.33 -0.45 18.44
C2 BNG Y . -24.63 -1.14 17.10
C3 BNG Y . -25.89 -0.56 16.46
C4 BNG Y . -27.01 -0.48 17.49
C5 BNG Y . -26.48 0.24 18.72
C6 BNG Y . -27.64 0.38 19.73
C1' BNG Y . -22.90 -0.49 20.30
C2' BNG Y . -21.81 0.53 19.98
C3' BNG Y . -20.46 -0.18 19.97
C4' BNG Y . -19.36 0.87 20.12
C5' BNG Y . -18.03 0.17 19.86
C6' BNG Y . -16.91 1.08 20.34
C7' BNG Y . -15.66 0.70 19.59
C8' BNG Y . -15.42 1.73 18.49
C9' BNG Y . -14.00 2.24 18.70
O1 BNG Y . -23.28 -1.10 19.11
O2 BNG Y . -23.55 -1.01 16.19
O3 BNG Y . -25.67 0.73 15.97
O4 BNG Y . -28.06 0.26 16.92
O5 BNG Y . -25.44 -0.51 19.28
O6 BNG Y . -27.56 -0.59 20.75
C1 GOL Z . -4.51 -11.01 16.65
O1 GOL Z . -5.45 -12.06 16.41
C2 GOL Z . -3.12 -11.35 16.10
O2 GOL Z . -3.16 -11.83 14.78
C3 GOL Z . -2.09 -10.24 16.25
O3 GOL Z . -0.84 -10.85 16.50
#